data_6FXQ
#
_entry.id   6FXQ
#
_cell.length_a   77.687
_cell.length_b   129.369
_cell.length_c   77.916
_cell.angle_alpha   90.000
_cell.angle_beta   105.520
_cell.angle_gamma   90.000
#
_symmetry.space_group_name_H-M   'P 1 21 1'
#
loop_
_entity.id
_entity.type
_entity.pdbx_description
1 polymer 'Putative heme-dependent peroxidase lmo2113'
2 non-polymer 'SODIUM ION'
3 non-polymer '1,3,5,8-TETRAMETHYL-PORPHINE-2,4,6,7-TETRAPROPIONIC ACID FERROUS COMPLEX'
4 non-polymer 'harderoheme (III)'
5 non-polymer (4S)-2-METHYL-2,4-PENTANEDIOL
6 water water
#
_entity_poly.entity_id   1
_entity_poly.type   'polypeptide(L)'
_entity_poly.pdbx_seq_one_letter_code
;NEAVKTLDGWFCLHDFRSIDWAAWRELNPGNQELMLNELSHFLSDMEITKNIGEGEHTIYSILGQKADLVFFTLRDSLEA
LNEVENRFNKLAIADYLLPTYSYISVVELSNYLASHMAGGDDPYQNKGVRARLYPALPPKKHICFYPMSKKRDGADNWYM
LPMEERQQLIRDHGLIGRSYAGKVQQIIGGSIGFDDYEWGVTLFSDDALEFKRIVTEMRFDEASARYAEFGSFFIGNLLL
SEQLSKLFTI
;
_entity_poly.pdbx_strand_id   A,B,C,D,E
#
# COMPACT_ATOMS: atom_id res chain seq x y z
N ALA A 3 -6.30 15.31 -29.80
CA ALA A 3 -5.27 14.60 -28.98
C ALA A 3 -3.84 14.96 -29.33
N VAL A 4 -2.97 14.98 -28.31
CA VAL A 4 -1.58 15.36 -28.50
C VAL A 4 -0.88 14.33 -29.39
N LYS A 5 -0.01 14.81 -30.27
CA LYS A 5 0.86 13.96 -31.05
C LYS A 5 2.28 14.17 -30.54
N THR A 6 3.08 13.10 -30.52
CA THR A 6 4.44 13.16 -30.00
C THR A 6 5.47 12.64 -31.00
N LEU A 7 6.67 13.25 -30.94
CA LEU A 7 7.90 12.61 -31.42
C LEU A 7 8.57 11.90 -30.28
N ASP A 8 9.15 10.74 -30.56
CA ASP A 8 9.67 9.91 -29.48
C ASP A 8 11.09 9.47 -29.79
N GLY A 9 11.98 9.56 -28.77
CA GLY A 9 13.39 9.29 -28.93
C GLY A 9 13.85 8.07 -28.13
N TRP A 10 14.85 8.20 -27.27
CA TRP A 10 15.38 7.01 -26.61
C TRP A 10 14.43 6.49 -25.56
N PHE A 11 14.45 5.15 -25.41
CA PHE A 11 13.77 4.48 -24.31
C PHE A 11 14.61 4.56 -23.05
N CYS A 12 13.93 4.81 -21.93
CA CYS A 12 14.55 5.18 -20.67
C CYS A 12 14.21 4.21 -19.54
N LEU A 13 15.22 3.91 -18.72
CA LEU A 13 15.01 3.21 -17.46
C LEU A 13 15.67 4.00 -16.34
N HIS A 14 14.88 4.38 -15.32
CA HIS A 14 15.42 4.86 -14.05
C HIS A 14 15.36 3.67 -13.11
N ASP A 15 16.53 3.19 -12.69
CA ASP A 15 16.63 1.97 -11.88
C ASP A 15 17.18 2.38 -10.50
N PHE A 16 16.31 2.43 -9.49
CA PHE A 16 16.67 2.81 -8.14
C PHE A 16 17.04 1.60 -7.29
N ARG A 17 18.16 1.72 -6.57
CA ARG A 17 18.67 0.62 -5.78
C ARG A 17 19.08 1.09 -4.39
N SER A 18 18.91 0.20 -3.42
CA SER A 18 19.37 0.41 -2.05
C SER A 18 20.44 -0.64 -1.74
N ILE A 19 21.55 -0.21 -1.14
CA ILE A 19 22.69 -1.09 -0.91
C ILE A 19 22.47 -1.90 0.35
N ASP A 20 22.62 -3.21 0.24
CA ASP A 20 22.50 -4.13 1.37
C ASP A 20 23.83 -4.13 2.14
N TRP A 21 24.03 -3.10 2.96
CA TRP A 21 25.28 -2.92 3.69
C TRP A 21 25.64 -4.14 4.54
N ALA A 22 24.65 -4.77 5.15
CA ALA A 22 24.91 -5.87 6.08
C ALA A 22 25.46 -7.09 5.35
N ALA A 23 24.91 -7.39 4.19
CA ALA A 23 25.48 -8.45 3.37
C ALA A 23 26.85 -8.06 2.80
N TRP A 24 26.97 -6.85 2.23
CA TRP A 24 28.24 -6.38 1.66
C TRP A 24 29.36 -6.49 2.68
N ARG A 25 29.07 -6.10 3.93
CA ARG A 25 30.06 -6.09 5.00
C ARG A 25 30.59 -7.48 5.26
N GLU A 26 29.76 -8.51 5.03
CA GLU A 26 30.17 -9.91 5.21
C GLU A 26 31.21 -10.38 4.20
N LEU A 27 31.42 -9.64 3.12
CA LEU A 27 32.39 -10.05 2.11
C LEU A 27 33.77 -9.57 2.51
N ASN A 28 34.77 -10.41 2.29
CA ASN A 28 36.12 -9.90 2.46
C ASN A 28 36.45 -8.93 1.34
N PRO A 29 37.44 -8.05 1.55
CA PRO A 29 37.71 -6.99 0.57
C PRO A 29 38.21 -7.52 -0.77
N GLY A 30 38.84 -8.69 -0.80
CA GLY A 30 39.19 -9.28 -2.08
C GLY A 30 37.98 -9.46 -2.98
N ASN A 31 36.95 -10.13 -2.44
CA ASN A 31 35.75 -10.42 -3.22
C ASN A 31 34.94 -9.17 -3.52
N GLN A 32 34.95 -8.19 -2.62
CA GLN A 32 34.36 -6.90 -2.92
C GLN A 32 35.04 -6.26 -4.13
N GLU A 33 36.38 -6.30 -4.18
CA GLU A 33 37.09 -5.71 -5.30
C GLU A 33 36.75 -6.43 -6.59
N LEU A 34 36.67 -7.77 -6.56
CA LEU A 34 36.30 -8.51 -7.76
C LEU A 34 34.94 -8.08 -8.29
N MET A 35 33.98 -7.87 -7.40
CA MET A 35 32.64 -7.49 -7.86
C MET A 35 32.62 -6.05 -8.35
N LEU A 36 33.41 -5.17 -7.74
CA LEU A 36 33.49 -3.81 -8.24
C LEU A 36 34.20 -3.77 -9.59
N ASN A 37 35.21 -4.62 -9.78
CA ASN A 37 35.88 -4.66 -11.08
C ASN A 37 34.90 -5.08 -12.18
N GLU A 38 34.02 -6.04 -11.89
CA GLU A 38 33.04 -6.50 -12.85
C GLU A 38 32.04 -5.40 -13.20
N LEU A 39 31.65 -4.61 -12.19
CA LEU A 39 30.78 -3.47 -12.44
C LEU A 39 31.49 -2.40 -13.29
N SER A 40 32.78 -2.14 -13.03
CA SER A 40 33.49 -1.14 -13.85
C SER A 40 33.55 -1.58 -15.29
N HIS A 41 33.80 -2.87 -15.52
CA HIS A 41 33.82 -3.40 -16.87
C HIS A 41 32.48 -3.21 -17.54
N PHE A 42 31.41 -3.48 -16.78
CA PHE A 42 30.06 -3.28 -17.26
C PHE A 42 29.86 -1.83 -17.68
N LEU A 43 30.24 -0.90 -16.81
CA LEU A 43 30.06 0.52 -17.10
C LEU A 43 30.95 0.98 -18.24
N SER A 44 32.14 0.40 -18.38
CA SER A 44 32.97 0.69 -19.53
C SER A 44 32.28 0.26 -20.82
N ASP A 45 31.60 -0.89 -20.81
CA ASP A 45 30.82 -1.28 -21.99
C ASP A 45 29.71 -0.27 -22.25
N MET A 46 29.08 0.21 -21.20
CA MET A 46 28.02 1.20 -21.41
C MET A 46 28.58 2.49 -22.00
N GLU A 47 29.81 2.87 -21.64
CA GLU A 47 30.43 4.03 -22.24
C GLU A 47 30.66 3.83 -23.75
N ILE A 48 31.01 2.61 -24.17
CA ILE A 48 31.19 2.35 -25.61
C ILE A 48 29.88 2.61 -26.36
N THR A 49 28.77 2.06 -25.87
CA THR A 49 27.44 2.28 -26.44
C THR A 49 27.11 3.77 -26.55
N LYS A 50 27.41 4.51 -25.48
CA LYS A 50 27.26 5.95 -25.54
C LYS A 50 28.12 6.54 -26.64
N ASN A 51 29.39 6.12 -26.72
CA ASN A 51 30.30 6.79 -27.65
C ASN A 51 30.03 6.49 -29.11
N ILE A 52 29.34 5.40 -29.42
CA ILE A 52 28.91 5.11 -30.77
C ILE A 52 27.51 5.64 -31.06
N GLY A 53 26.94 6.42 -30.13
CA GLY A 53 25.67 7.08 -30.36
C GLY A 53 24.43 6.22 -30.21
N GLU A 54 24.50 5.12 -29.45
CA GLU A 54 23.36 4.24 -29.33
C GLU A 54 22.69 4.38 -27.99
N GLY A 55 23.12 5.32 -27.16
CA GLY A 55 22.41 5.54 -25.91
C GLY A 55 23.20 6.46 -25.00
N GLU A 56 22.77 6.46 -23.74
CA GLU A 56 23.31 7.33 -22.70
C GLU A 56 23.10 6.66 -21.34
N HIS A 57 23.88 7.10 -20.35
CA HIS A 57 23.63 6.63 -19.00
C HIS A 57 24.31 7.53 -17.98
N THR A 58 23.76 7.53 -16.77
CA THR A 58 24.43 8.23 -15.69
C THR A 58 24.00 7.64 -14.38
N ILE A 59 24.78 7.91 -13.33
CA ILE A 59 24.55 7.37 -11.99
C ILE A 59 24.55 8.53 -10.98
N TYR A 60 23.56 8.56 -10.11
CA TYR A 60 23.50 9.53 -9.03
C TYR A 60 23.29 8.78 -7.72
N SER A 61 23.89 9.30 -6.65
CA SER A 61 23.58 8.82 -5.30
C SER A 61 22.34 9.54 -4.77
N ILE A 62 21.43 8.77 -4.16
CA ILE A 62 20.12 9.28 -3.79
C ILE A 62 20.05 9.51 -2.28
N LEU A 63 19.50 10.63 -1.87
CA LEU A 63 19.33 10.93 -0.47
C LEU A 63 18.09 10.26 0.15
N GLY A 64 18.25 9.89 1.43
CA GLY A 64 17.18 9.28 2.19
C GLY A 64 17.10 7.79 1.93
N GLN A 65 16.07 7.15 2.53
CA GLN A 65 16.00 5.70 2.51
C GLN A 65 15.36 5.13 1.26
N LYS A 66 14.73 5.96 0.43
CA LYS A 66 14.12 5.42 -0.78
C LYS A 66 15.10 4.67 -1.64
N ALA A 67 16.33 5.15 -1.67
CA ALA A 67 17.33 4.49 -2.50
C ALA A 67 18.69 5.02 -2.11
N ASP A 68 19.72 4.29 -2.51
CA ASP A 68 21.10 4.75 -2.39
C ASP A 68 21.66 5.23 -3.72
N LEU A 69 21.14 4.69 -4.83
CA LEU A 69 21.68 4.95 -6.15
C LEU A 69 20.54 4.97 -7.14
N VAL A 70 20.70 5.71 -8.22
CA VAL A 70 19.86 5.50 -9.39
C VAL A 70 20.76 5.30 -10.58
N PHE A 71 20.44 4.32 -11.36
CA PHE A 71 21.06 4.08 -12.65
C PHE A 71 20.03 4.49 -13.72
N PHE A 72 20.34 5.57 -14.43
CA PHE A 72 19.48 6.15 -15.45
C PHE A 72 20.11 5.78 -16.78
N THR A 73 19.38 4.98 -17.56
CA THR A 73 19.90 4.42 -18.80
C THR A 73 18.93 4.70 -19.95
N LEU A 74 19.50 5.05 -21.09
CA LEU A 74 18.75 5.41 -22.30
C LEU A 74 19.26 4.57 -23.45
N ARG A 75 18.35 3.98 -24.22
CA ARG A 75 18.74 3.13 -25.36
C ARG A 75 17.80 3.30 -26.54
N ASP A 76 18.24 2.87 -27.71
CA ASP A 76 17.45 3.12 -28.92
C ASP A 76 16.36 2.07 -29.18
N SER A 77 16.26 1.01 -28.38
CA SER A 77 15.16 0.05 -28.45
C SER A 77 14.82 -0.53 -27.09
N LEU A 78 13.58 -1.04 -26.96
CA LEU A 78 13.21 -1.74 -25.74
C LEU A 78 13.99 -3.01 -25.56
N GLU A 79 14.36 -3.68 -26.66
CA GLU A 79 15.19 -4.86 -26.54
C GLU A 79 16.54 -4.52 -25.91
N ALA A 80 17.18 -3.44 -26.40
CA ALA A 80 18.47 -3.07 -25.87
C ALA A 80 18.36 -2.66 -24.41
N LEU A 81 17.31 -1.92 -24.07
CA LEU A 81 17.12 -1.53 -22.69
C LEU A 81 16.93 -2.75 -21.80
N ASN A 82 16.19 -3.75 -22.30
CA ASN A 82 15.91 -4.98 -21.54
C ASN A 82 17.19 -5.75 -21.32
N GLU A 83 18.04 -5.77 -22.36
CA GLU A 83 19.32 -6.46 -22.27
C GLU A 83 20.28 -5.81 -21.27
N VAL A 84 20.27 -4.48 -21.17
CA VAL A 84 21.10 -3.80 -20.17
C VAL A 84 20.62 -4.18 -18.80
N GLU A 85 19.30 -4.12 -18.61
CA GLU A 85 18.69 -4.41 -17.32
C GLU A 85 19.08 -5.79 -16.87
N ASN A 86 18.95 -6.77 -17.78
CA ASN A 86 19.15 -8.17 -17.42
C ASN A 86 20.64 -8.44 -17.13
N ARG A 87 21.51 -7.93 -17.97
CA ARG A 87 22.94 -8.09 -17.73
C ARG A 87 23.34 -7.41 -16.42
N PHE A 88 22.72 -6.29 -16.07
CA PHE A 88 23.00 -5.63 -14.82
C PHE A 88 22.59 -6.48 -13.61
N ASN A 89 21.36 -7.03 -13.63
CA ASN A 89 20.93 -7.88 -12.51
C ASN A 89 21.82 -9.11 -12.36
N LYS A 90 22.46 -9.54 -13.43
CA LYS A 90 23.31 -10.71 -13.35
C LYS A 90 24.76 -10.40 -12.92
N LEU A 91 25.12 -9.13 -12.76
CA LEU A 91 26.37 -8.80 -12.10
C LEU A 91 26.37 -9.32 -10.67
N ALA A 92 27.52 -9.83 -10.22
CA ALA A 92 27.64 -10.29 -8.84
C ALA A 92 27.23 -9.22 -7.85
N ILE A 93 27.68 -7.98 -8.07
CA ILE A 93 27.39 -6.89 -7.13
C ILE A 93 25.89 -6.58 -7.06
N ALA A 94 25.16 -6.88 -8.13
CA ALA A 94 23.75 -6.54 -8.09
C ALA A 94 22.96 -7.30 -7.00
N ASP A 95 23.47 -8.42 -6.47
CA ASP A 95 22.78 -9.08 -5.35
C ASP A 95 22.76 -8.18 -4.12
N TYR A 96 23.66 -7.20 -4.06
CA TYR A 96 23.74 -6.25 -2.96
C TYR A 96 23.03 -4.95 -3.29
N LEU A 97 22.40 -4.86 -4.48
CA LEU A 97 21.71 -3.65 -4.92
C LEU A 97 20.23 -3.99 -4.97
N LEU A 98 19.52 -3.65 -3.91
CA LEU A 98 18.14 -4.11 -3.78
C LEU A 98 17.22 -3.18 -4.57
N PRO A 99 16.30 -3.73 -5.35
CA PRO A 99 15.42 -2.87 -6.17
C PRO A 99 14.39 -2.20 -5.30
N THR A 100 14.36 -0.87 -5.34
CA THR A 100 13.37 -0.14 -4.55
C THR A 100 12.36 0.65 -5.37
N TYR A 101 12.61 0.88 -6.65
CA TYR A 101 11.68 1.59 -7.54
C TYR A 101 12.26 1.65 -8.94
N SER A 102 11.39 1.71 -9.94
CA SER A 102 11.88 1.88 -11.29
C SER A 102 10.84 2.61 -12.13
N TYR A 103 11.29 3.06 -13.30
CA TYR A 103 10.42 3.83 -14.19
C TYR A 103 10.88 3.64 -15.63
N ILE A 104 9.92 3.35 -16.50
CA ILE A 104 10.11 3.13 -17.93
C ILE A 104 9.39 4.27 -18.67
N SER A 105 10.11 4.89 -19.61
CA SER A 105 9.54 6.01 -20.33
C SER A 105 10.28 6.14 -21.67
N VAL A 106 9.84 7.08 -22.49
CA VAL A 106 10.52 7.34 -23.76
C VAL A 106 10.62 8.85 -23.92
N VAL A 107 11.81 9.32 -24.32
CA VAL A 107 12.00 10.77 -24.45
C VAL A 107 10.96 11.30 -25.43
N GLU A 108 10.26 12.36 -25.02
CA GLU A 108 9.07 12.81 -25.72
C GLU A 108 9.13 14.30 -26.07
N LEU A 109 8.74 14.63 -27.30
CA LEU A 109 8.46 16.01 -27.74
C LEU A 109 7.02 16.07 -28.25
N SER A 110 6.18 16.81 -27.56
CA SER A 110 4.80 16.93 -28.02
C SER A 110 4.68 18.00 -29.10
N ASN A 111 3.51 18.03 -29.76
CA ASN A 111 3.19 18.98 -30.81
C ASN A 111 2.36 20.15 -30.30
N TYR A 112 2.28 20.37 -28.97
CA TYR A 112 1.55 21.53 -28.46
C TYR A 112 2.19 22.84 -28.94
N LEU A 113 3.51 22.85 -29.03
CA LEU A 113 4.24 23.96 -29.66
C LEU A 113 5.09 23.40 -30.79
N ALA A 114 5.64 24.28 -31.62
CA ALA A 114 6.44 23.81 -32.74
C ALA A 114 7.88 23.62 -32.29
N SER A 115 8.52 22.57 -32.80
CA SER A 115 9.93 22.31 -32.54
C SER A 115 10.80 22.54 -33.78
N HIS A 116 10.17 22.78 -34.94
CA HIS A 116 10.88 22.98 -36.20
C HIS A 116 9.90 23.66 -37.15
N MET A 117 10.45 24.28 -38.22
CA MET A 117 9.62 24.91 -39.23
C MET A 117 8.70 23.89 -39.91
N ALA A 118 7.41 24.18 -39.92
CA ALA A 118 6.44 23.25 -40.48
C ALA A 118 6.73 23.00 -41.96
N GLY A 119 6.44 21.80 -42.40
CA GLY A 119 6.66 21.40 -43.78
C GLY A 119 6.77 19.90 -43.90
N GLY A 120 6.95 19.46 -45.14
CA GLY A 120 7.20 18.05 -45.39
C GLY A 120 8.49 17.55 -44.78
N ASP A 121 9.45 18.46 -44.55
CA ASP A 121 10.75 18.09 -43.97
C ASP A 121 10.55 17.35 -42.65
N ASP A 122 11.03 16.12 -42.58
CA ASP A 122 10.62 15.36 -41.41
C ASP A 122 11.54 15.68 -40.23
N PRO A 123 10.97 15.80 -39.04
CA PRO A 123 11.74 16.35 -37.92
C PRO A 123 12.85 15.44 -37.45
N TYR A 124 12.74 14.13 -37.67
CA TYR A 124 13.80 13.23 -37.23
C TYR A 124 15.11 13.49 -37.91
N GLN A 125 15.12 14.23 -39.01
CA GLN A 125 16.34 14.67 -39.68
C GLN A 125 16.82 16.06 -39.23
N ASN A 126 16.02 16.77 -38.45
CA ASN A 126 16.41 18.04 -37.87
C ASN A 126 17.36 17.82 -36.70
N LYS A 127 18.56 18.41 -36.77
CA LYS A 127 19.60 18.16 -35.77
C LYS A 127 19.28 18.78 -34.41
N GLY A 128 18.61 19.94 -34.41
CA GLY A 128 18.05 20.47 -33.16
C GLY A 128 17.04 19.56 -32.50
N VAL A 129 16.11 18.98 -33.29
CA VAL A 129 15.14 18.02 -32.76
C VAL A 129 15.84 16.76 -32.26
N ARG A 130 16.81 16.24 -33.03
CA ARG A 130 17.51 15.03 -32.59
C ARG A 130 18.23 15.23 -31.25
N ALA A 131 18.82 16.42 -31.03
CA ALA A 131 19.50 16.70 -29.77
C ALA A 131 18.56 16.58 -28.59
N ARG A 132 17.27 16.81 -28.83
CA ARG A 132 16.29 16.77 -27.76
C ARG A 132 15.74 15.37 -27.60
N LEU A 133 15.55 14.62 -28.70
CA LEU A 133 15.03 13.24 -28.63
C LEU A 133 16.08 12.26 -28.11
N TYR A 134 17.34 12.53 -28.40
CA TYR A 134 18.44 11.63 -28.07
C TYR A 134 19.39 12.44 -27.21
N PRO A 135 18.99 12.77 -25.99
CA PRO A 135 19.69 13.83 -25.25
C PRO A 135 21.04 13.40 -24.69
N ALA A 136 22.04 14.27 -24.85
CA ALA A 136 23.26 14.15 -24.06
C ALA A 136 22.97 14.44 -22.59
N LEU A 137 23.50 13.58 -21.67
CA LEU A 137 23.23 13.87 -20.25
C LEU A 137 24.29 14.83 -19.71
N PRO A 138 23.91 15.95 -19.09
CA PRO A 138 24.90 16.90 -18.60
C PRO A 138 25.43 16.45 -17.25
N PRO A 139 26.71 16.62 -17.00
CA PRO A 139 27.27 16.21 -15.69
C PRO A 139 26.99 17.24 -14.60
N LYS A 140 25.72 17.54 -14.38
CA LYS A 140 25.34 18.43 -13.31
C LYS A 140 25.48 17.75 -11.96
N LYS A 141 25.74 18.58 -10.94
CA LYS A 141 25.95 18.04 -9.60
C LYS A 141 24.74 17.28 -9.09
N HIS A 142 23.51 17.65 -9.47
CA HIS A 142 22.32 17.06 -8.86
C HIS A 142 21.28 16.64 -9.89
N ILE A 143 20.44 15.71 -9.45
CA ILE A 143 19.34 15.15 -10.22
C ILE A 143 18.12 15.18 -9.34
N CYS A 144 16.97 15.37 -9.99
CA CYS A 144 15.66 15.27 -9.38
C CYS A 144 14.80 14.43 -10.32
N PHE A 145 14.14 13.36 -9.80
CA PHE A 145 13.23 12.54 -10.59
C PHE A 145 11.86 12.46 -9.91
N TYR A 146 10.81 12.60 -10.72
CA TYR A 146 9.49 12.21 -10.25
C TYR A 146 8.58 11.91 -11.42
N PRO A 147 7.63 10.99 -11.26
CA PRO A 147 6.58 10.79 -12.26
C PRO A 147 5.39 11.71 -12.03
N MET A 148 4.64 11.95 -13.09
CA MET A 148 3.41 12.71 -12.93
C MET A 148 2.40 12.31 -13.99
N SER A 149 1.13 12.61 -13.67
CA SER A 149 -0.01 12.45 -14.58
C SER A 149 -0.83 13.74 -14.59
N LYS A 150 -1.71 13.88 -15.59
CA LYS A 150 -2.64 14.99 -15.63
C LYS A 150 -4.01 14.49 -15.18
N LYS A 151 -4.70 15.30 -14.38
CA LYS A 151 -5.90 14.89 -13.67
C LYS A 151 -7.05 14.70 -14.63
N ARG A 152 -7.90 13.78 -14.26
CA ARG A 152 -9.18 13.54 -14.93
C ARG A 152 -10.18 13.43 -13.78
N ASP A 153 -10.55 14.57 -13.18
CA ASP A 153 -11.21 14.58 -11.89
C ASP A 153 -12.27 15.69 -11.88
N GLY A 154 -13.51 15.30 -12.18
CA GLY A 154 -14.63 16.22 -12.19
C GLY A 154 -14.37 17.40 -13.10
N ALA A 155 -14.47 18.60 -12.55
CA ALA A 155 -14.26 19.78 -13.36
C ALA A 155 -12.79 20.00 -13.72
N ASP A 156 -11.85 19.32 -13.06
CA ASP A 156 -10.43 19.43 -13.41
C ASP A 156 -10.06 18.19 -14.22
N ASN A 157 -10.35 18.25 -15.53
CA ASN A 157 -10.11 17.13 -16.45
C ASN A 157 -9.34 17.61 -17.67
N TRP A 158 -8.03 17.37 -17.61
CA TRP A 158 -7.10 17.73 -18.67
C TRP A 158 -7.51 17.15 -20.01
N TYR A 159 -7.86 15.85 -20.02
CA TYR A 159 -8.16 15.16 -21.28
C TYR A 159 -9.51 15.52 -21.87
N MET A 160 -10.35 16.24 -21.16
CA MET A 160 -11.58 16.75 -21.75
C MET A 160 -11.44 18.18 -22.25
N LEU A 161 -10.32 18.83 -22.04
CA LEU A 161 -10.15 20.16 -22.57
C LEU A 161 -9.96 20.14 -24.08
N PRO A 162 -10.45 21.16 -24.80
CA PRO A 162 -10.06 21.32 -26.22
C PRO A 162 -8.58 21.62 -26.40
N MET A 163 -8.09 21.28 -27.59
CA MET A 163 -6.67 21.40 -27.90
C MET A 163 -6.18 22.83 -27.66
N GLU A 164 -6.95 23.84 -28.07
CA GLU A 164 -6.42 25.20 -27.96
C GLU A 164 -6.31 25.60 -26.50
N GLU A 165 -7.12 25.01 -25.63
CA GLU A 165 -6.99 25.32 -24.21
C GLU A 165 -5.80 24.60 -23.57
N ARG A 166 -5.56 23.35 -23.93
CA ARG A 166 -4.36 22.66 -23.50
C ARG A 166 -3.11 23.37 -24.02
N GLN A 167 -3.14 23.85 -25.28
CA GLN A 167 -1.98 24.55 -25.83
C GLN A 167 -1.64 25.80 -25.02
N GLN A 168 -2.65 26.58 -24.68
CA GLN A 168 -2.39 27.77 -23.89
C GLN A 168 -1.80 27.41 -22.54
N LEU A 169 -2.35 26.38 -21.88
CA LEU A 169 -1.83 25.98 -20.57
C LEU A 169 -0.37 25.53 -20.67
N ILE A 170 -0.05 24.76 -21.71
CA ILE A 170 1.33 24.28 -21.91
C ILE A 170 2.25 25.45 -22.25
N ARG A 171 1.81 26.32 -23.15
CA ARG A 171 2.56 27.53 -23.48
C ARG A 171 3.00 28.27 -22.21
N ASP A 172 2.04 28.53 -21.31
CA ASP A 172 2.33 29.29 -20.09
C ASP A 172 3.30 28.53 -19.20
N HIS A 173 3.10 27.21 -19.04
CA HIS A 173 4.08 26.36 -18.37
C HIS A 173 5.47 26.47 -19.01
N GLY A 174 5.54 26.44 -20.33
CA GLY A 174 6.85 26.56 -20.99
C GLY A 174 7.55 27.88 -20.70
N LEU A 175 6.80 28.97 -20.59
CA LEU A 175 7.46 30.24 -20.31
C LEU A 175 8.21 30.18 -19.00
N ILE A 176 7.56 29.62 -17.96
CA ILE A 176 8.20 29.46 -16.67
C ILE A 176 9.47 28.65 -16.80
N GLY A 177 9.37 27.49 -17.45
CA GLY A 177 10.51 26.62 -17.60
C GLY A 177 11.65 27.33 -18.32
N ARG A 178 11.31 28.06 -19.40
CA ARG A 178 12.32 28.82 -20.16
C ARG A 178 13.04 29.83 -19.28
N SER A 179 12.39 30.32 -18.22
CA SER A 179 13.08 31.26 -17.35
C SER A 179 14.09 30.57 -16.43
N TYR A 180 14.17 29.24 -16.48
CA TYR A 180 15.21 28.50 -15.76
C TYR A 180 16.30 27.97 -16.70
N ALA A 181 16.41 28.57 -17.89
CA ALA A 181 17.48 28.25 -18.82
C ALA A 181 18.82 28.59 -18.19
N GLY A 182 19.78 27.71 -18.39
CA GLY A 182 21.06 27.81 -17.71
C GLY A 182 21.06 27.43 -16.26
N LYS A 183 19.91 27.11 -15.67
CA LYS A 183 19.93 26.70 -14.27
C LYS A 183 19.37 25.31 -14.06
N VAL A 184 18.30 24.94 -14.77
CA VAL A 184 17.72 23.60 -14.69
C VAL A 184 17.60 23.07 -16.12
N GLN A 185 18.12 21.86 -16.38
CA GLN A 185 17.83 21.16 -17.64
C GLN A 185 16.85 20.03 -17.38
N GLN A 186 15.86 19.87 -18.28
CA GLN A 186 14.80 18.91 -18.06
C GLN A 186 14.80 17.87 -19.17
N ILE A 187 14.53 16.61 -18.80
CA ILE A 187 14.17 15.57 -19.76
C ILE A 187 12.77 15.12 -19.43
N ILE A 188 11.88 15.14 -20.42
CA ILE A 188 10.50 14.70 -20.24
C ILE A 188 10.37 13.35 -20.94
N GLY A 189 10.12 12.29 -20.16
CA GLY A 189 9.83 10.99 -20.72
C GLY A 189 8.34 10.70 -20.66
N GLY A 190 7.75 10.42 -21.83
CA GLY A 190 6.35 10.01 -21.90
C GLY A 190 6.27 8.54 -21.50
N SER A 191 5.21 8.20 -20.76
CA SER A 191 5.10 6.83 -20.27
C SER A 191 3.67 6.30 -20.34
N ILE A 192 2.76 6.98 -21.06
CA ILE A 192 1.43 6.41 -21.29
C ILE A 192 1.62 5.11 -22.05
N GLY A 193 1.08 4.04 -21.50
CA GLY A 193 1.28 2.72 -22.07
C GLY A 193 2.48 1.97 -21.55
N PHE A 194 3.43 2.64 -20.89
CA PHE A 194 4.71 2.06 -20.50
C PHE A 194 4.87 1.88 -19.00
N ASP A 195 4.24 2.75 -18.20
CA ASP A 195 4.43 2.70 -16.75
C ASP A 195 3.19 3.30 -16.12
N ASP A 196 3.25 3.53 -14.82
CA ASP A 196 2.02 3.76 -14.07
C ASP A 196 1.54 5.21 -14.09
N TYR A 197 2.41 6.16 -14.37
CA TYR A 197 2.02 7.54 -14.57
C TYR A 197 2.16 7.87 -16.06
N GLU A 198 1.94 9.14 -16.43
CA GLU A 198 1.91 9.54 -17.83
C GLU A 198 3.22 10.17 -18.30
N TRP A 199 4.01 10.70 -17.38
CA TRP A 199 5.37 11.20 -17.69
C TRP A 199 6.30 10.85 -16.54
N GLY A 200 7.58 10.66 -16.86
CA GLY A 200 8.67 10.70 -15.88
C GLY A 200 9.49 11.95 -16.17
N VAL A 201 9.66 12.78 -15.14
CA VAL A 201 10.35 14.06 -15.25
C VAL A 201 11.70 13.96 -14.58
N THR A 202 12.74 14.25 -15.32
CA THR A 202 14.11 14.25 -14.79
C THR A 202 14.64 15.68 -14.90
N LEU A 203 15.08 16.23 -13.78
CA LEU A 203 15.75 17.53 -13.77
C LEU A 203 17.21 17.41 -13.36
N PHE A 204 18.04 18.29 -13.95
CA PHE A 204 19.46 18.37 -13.66
C PHE A 204 19.80 19.80 -13.31
N SER A 205 20.58 19.99 -12.25
CA SER A 205 21.04 21.34 -11.91
C SER A 205 22.32 21.21 -11.10
N ASP A 206 23.11 22.26 -11.12
CA ASP A 206 24.23 22.37 -10.20
C ASP A 206 23.81 22.89 -8.83
N ASP A 207 22.57 23.35 -8.67
CA ASP A 207 22.10 23.92 -7.40
C ASP A 207 20.77 23.26 -7.07
N ALA A 208 20.75 22.37 -6.06
CA ALA A 208 19.52 21.61 -5.78
C ALA A 208 18.34 22.53 -5.46
N LEU A 209 18.62 23.71 -4.95
CA LEU A 209 17.51 24.61 -4.65
C LEU A 209 16.80 25.09 -5.90
N GLU A 210 17.44 25.01 -7.07
CA GLU A 210 16.68 25.35 -8.27
C GLU A 210 15.57 24.35 -8.53
N PHE A 211 15.71 23.11 -8.04
CA PHE A 211 14.61 22.16 -8.18
C PHE A 211 13.40 22.65 -7.42
N LYS A 212 13.60 23.03 -6.15
CA LYS A 212 12.50 23.55 -5.36
C LYS A 212 11.89 24.79 -6.01
N ARG A 213 12.76 25.64 -6.57
CA ARG A 213 12.28 26.90 -7.13
C ARG A 213 11.37 26.66 -8.32
N ILE A 214 11.84 25.89 -9.30
CA ILE A 214 11.04 25.73 -10.51
C ILE A 214 9.77 24.93 -10.20
N VAL A 215 9.88 23.86 -9.42
CA VAL A 215 8.71 23.01 -9.17
C VAL A 215 7.66 23.79 -8.38
N THR A 216 8.10 24.60 -7.40
CA THR A 216 7.19 25.49 -6.69
C THR A 216 6.55 26.49 -7.65
N GLU A 217 7.36 27.16 -8.47
CA GLU A 217 6.81 28.17 -9.36
C GLU A 217 5.80 27.57 -10.31
N MET A 218 6.10 26.40 -10.85
CA MET A 218 5.15 25.75 -11.75
C MET A 218 3.88 25.35 -11.04
N ARG A 219 3.96 25.11 -9.73
CA ARG A 219 2.77 24.66 -9.02
C ARG A 219 1.74 25.75 -8.89
N PHE A 220 2.14 27.02 -8.98
CA PHE A 220 1.18 28.10 -8.98
C PHE A 220 0.72 28.46 -10.39
N ASP A 221 1.26 27.81 -11.43
CA ASP A 221 0.77 27.90 -12.80
C ASP A 221 -0.36 26.88 -13.06
N GLU A 222 -1.39 27.33 -13.79
CA GLU A 222 -2.66 26.61 -13.81
C GLU A 222 -2.47 25.20 -14.33
N ALA A 223 -1.58 25.00 -15.32
CA ALA A 223 -1.36 23.66 -15.86
C ALA A 223 -1.01 22.65 -14.75
N SER A 224 -0.23 23.06 -13.76
CA SER A 224 0.07 22.13 -12.66
C SER A 224 -0.86 22.31 -11.46
N ALA A 225 -1.16 23.55 -11.08
CA ALA A 225 -2.03 23.79 -9.93
C ALA A 225 -3.32 23.00 -10.02
N ARG A 226 -3.93 22.99 -11.21
CA ARG A 226 -5.23 22.40 -11.41
C ARG A 226 -5.16 20.98 -11.94
N TYR A 227 -4.11 20.62 -12.67
CA TYR A 227 -4.11 19.35 -13.37
C TYR A 227 -3.00 18.39 -13.04
N ALA A 228 -1.99 18.77 -12.23
CA ALA A 228 -0.89 17.84 -12.00
C ALA A 228 -1.24 16.86 -10.90
N GLU A 229 -0.87 15.62 -11.11
CA GLU A 229 -0.85 14.62 -10.06
C GLU A 229 0.57 14.07 -9.99
N PHE A 230 1.19 14.15 -8.83
CA PHE A 230 2.58 13.78 -8.66
C PHE A 230 2.77 12.46 -7.93
N GLY A 231 3.81 11.72 -8.33
CA GLY A 231 4.29 10.58 -7.56
C GLY A 231 5.40 10.99 -6.60
N SER A 232 6.28 10.04 -6.33
CA SER A 232 7.35 10.25 -5.38
C SER A 232 8.47 11.04 -6.03
N PHE A 233 9.20 11.79 -5.20
CA PHE A 233 10.31 12.62 -5.65
C PHE A 233 11.62 12.06 -5.15
N PHE A 234 12.61 12.04 -6.01
CA PHE A 234 13.93 11.49 -5.69
C PHE A 234 14.97 12.56 -6.00
N ILE A 235 15.90 12.78 -5.08
CA ILE A 235 16.96 13.80 -5.24
C ILE A 235 18.31 13.16 -4.99
N GLY A 236 19.31 13.57 -5.78
CA GLY A 236 20.61 12.95 -5.58
C GLY A 236 21.77 13.77 -6.13
N ASN A 237 22.96 13.19 -6.00
CA ASN A 237 24.26 13.81 -6.27
C ASN A 237 25.01 12.97 -7.29
N LEU A 238 25.66 13.64 -8.22
CA LEU A 238 26.39 12.94 -9.28
C LEU A 238 27.44 11.99 -8.69
N LEU A 239 27.55 10.80 -9.27
CA LEU A 239 28.50 9.77 -8.87
C LEU A 239 29.36 9.39 -10.07
N LEU A 240 30.63 9.76 -10.03
CA LEU A 240 31.62 9.26 -10.99
C LEU A 240 32.36 8.09 -10.35
N SER A 241 33.46 7.66 -10.95
CA SER A 241 34.16 6.51 -10.40
C SER A 241 34.70 6.80 -9.01
N GLU A 242 35.32 7.98 -8.82
CA GLU A 242 35.83 8.35 -7.51
C GLU A 242 34.77 8.16 -6.43
N GLN A 243 33.56 8.71 -6.67
CA GLN A 243 32.50 8.60 -5.68
C GLN A 243 32.03 7.17 -5.52
N LEU A 244 32.25 6.31 -6.53
CA LEU A 244 31.65 4.98 -6.53
C LEU A 244 32.45 4.00 -5.68
N SER A 245 33.75 3.89 -5.90
CA SER A 245 34.50 2.95 -5.08
C SER A 245 34.59 3.44 -3.64
N LYS A 246 34.54 4.76 -3.47
CA LYS A 246 34.42 5.36 -2.15
C LYS A 246 33.14 4.93 -1.49
N LEU A 247 32.02 5.10 -2.21
CA LEU A 247 30.72 4.72 -1.71
C LEU A 247 30.70 3.30 -1.16
N PHE A 248 31.40 2.37 -1.81
CA PHE A 248 31.31 0.97 -1.39
C PHE A 248 32.41 0.55 -0.42
N THR A 249 33.33 1.43 -0.05
CA THR A 249 34.34 1.12 0.97
C THR A 249 33.70 1.19 2.35
N ILE A 250 33.68 0.07 3.06
CA ILE A 250 32.93 0.02 4.29
C ILE A 250 33.82 0.37 5.48
N LYS B 5 8.11 32.92 -2.86
CA LYS B 5 9.47 33.36 -2.53
C LYS B 5 9.85 32.92 -1.12
N THR B 6 10.92 32.10 -1.01
CA THR B 6 11.42 31.61 0.27
C THR B 6 12.94 31.78 0.36
N LEU B 7 13.43 31.93 1.60
CA LEU B 7 14.85 31.81 1.94
C LEU B 7 15.10 30.40 2.46
N ASP B 8 16.26 29.83 2.12
CA ASP B 8 16.49 28.41 2.37
C ASP B 8 17.76 28.25 3.18
N GLY B 9 17.74 27.30 4.12
CA GLY B 9 18.86 27.17 5.04
C GLY B 9 19.49 25.80 4.98
N TRP B 10 19.66 25.20 6.13
CA TRP B 10 20.21 23.86 6.18
C TRP B 10 19.31 22.83 5.50
N PHE B 11 19.95 21.91 4.78
CA PHE B 11 19.31 20.68 4.33
C PHE B 11 19.17 19.69 5.48
N CYS B 12 17.99 19.05 5.52
CA CYS B 12 17.53 18.20 6.63
C CYS B 12 17.25 16.77 6.21
N LEU B 13 17.60 15.84 7.08
CA LEU B 13 17.24 14.45 6.98
C LEU B 13 16.60 14.02 8.28
N HIS B 14 15.38 13.53 8.21
CA HIS B 14 14.79 12.78 9.30
C HIS B 14 14.92 11.30 8.94
N ASP B 15 15.60 10.52 9.78
CA ASP B 15 15.95 9.13 9.46
C ASP B 15 15.41 8.23 10.56
N PHE B 16 14.30 7.57 10.29
CA PHE B 16 13.64 6.70 11.27
C PHE B 16 14.11 5.27 11.14
N ARG B 17 14.39 4.66 12.27
CA ARG B 17 14.98 3.34 12.34
C ARG B 17 14.26 2.51 13.39
N SER B 18 14.04 1.25 13.07
CA SER B 18 13.55 0.23 14.02
C SER B 18 14.71 -0.70 14.35
N ILE B 19 14.90 -1.02 15.62
CA ILE B 19 16.02 -1.87 16.04
C ILE B 19 15.67 -3.34 15.87
N ASP B 20 16.59 -4.09 15.30
CA ASP B 20 16.37 -5.51 15.08
C ASP B 20 16.81 -6.26 16.35
N TRP B 21 15.91 -6.31 17.35
CA TRP B 21 16.27 -6.86 18.66
C TRP B 21 16.70 -8.32 18.58
N ALA B 22 16.03 -9.13 17.75
CA ALA B 22 16.35 -10.54 17.65
C ALA B 22 17.80 -10.76 17.25
N ALA B 23 18.26 -10.02 16.23
CA ALA B 23 19.66 -10.14 15.79
C ALA B 23 20.61 -9.52 16.82
N TRP B 24 20.26 -8.34 17.35
CA TRP B 24 21.07 -7.68 18.38
C TRP B 24 21.30 -8.60 19.58
N ARG B 25 20.26 -9.30 20.00
CA ARG B 25 20.34 -10.23 21.10
C ARG B 25 21.33 -11.36 20.83
N GLU B 26 21.53 -11.71 19.56
CA GLU B 26 22.42 -12.81 19.25
C GLU B 26 23.88 -12.44 19.41
N LEU B 27 24.18 -11.19 19.59
CA LEU B 27 25.57 -10.75 19.71
C LEU B 27 26.05 -10.90 21.14
N ASN B 28 27.27 -11.37 21.33
CA ASN B 28 27.80 -11.34 22.68
C ASN B 28 28.05 -9.90 23.15
N PRO B 29 28.06 -9.70 24.47
CA PRO B 29 28.16 -8.35 25.01
C PRO B 29 29.40 -7.61 24.57
N GLY B 30 30.51 -8.30 24.32
CA GLY B 30 31.73 -7.61 23.91
C GLY B 30 31.60 -6.99 22.53
N ASN B 31 30.96 -7.72 21.61
CA ASN B 31 30.72 -7.19 20.28
C ASN B 31 29.68 -6.09 20.30
N GLN B 32 28.67 -6.22 21.18
CA GLN B 32 27.74 -5.11 21.37
C GLN B 32 28.47 -3.84 21.80
N GLU B 33 29.35 -3.98 22.78
CA GLU B 33 30.12 -2.83 23.25
C GLU B 33 30.95 -2.24 22.13
N LEU B 34 31.59 -3.09 21.33
CA LEU B 34 32.40 -2.52 20.27
C LEU B 34 31.53 -1.70 19.30
N MET B 35 30.35 -2.18 19.01
CA MET B 35 29.48 -1.48 18.06
C MET B 35 28.95 -0.17 18.64
N LEU B 36 28.61 -0.20 19.91
CA LEU B 36 28.23 1.04 20.60
C LEU B 36 29.41 2.02 20.70
N ASN B 37 30.62 1.52 20.90
CA ASN B 37 31.76 2.42 20.93
C ASN B 37 31.89 3.14 19.61
N GLU B 38 31.74 2.39 18.49
CA GLU B 38 31.84 2.99 17.16
C GLU B 38 30.74 4.03 16.97
N LEU B 39 29.55 3.72 17.48
CA LEU B 39 28.41 4.65 17.35
C LEU B 39 28.68 5.92 18.13
N SER B 40 29.24 5.78 19.34
CA SER B 40 29.57 6.98 20.12
C SER B 40 30.62 7.82 19.42
N HIS B 41 31.60 7.20 18.76
CA HIS B 41 32.59 7.94 17.99
C HIS B 41 31.91 8.73 16.87
N PHE B 42 31.03 8.06 16.11
CA PHE B 42 30.30 8.74 15.04
C PHE B 42 29.49 9.92 15.58
N LEU B 43 28.82 9.73 16.72
CA LEU B 43 28.01 10.80 17.30
C LEU B 43 28.88 11.94 17.81
N SER B 44 30.05 11.62 18.37
CA SER B 44 30.93 12.72 18.76
C SER B 44 31.44 13.50 17.54
N ASP B 45 31.65 12.81 16.41
CA ASP B 45 31.92 13.49 15.15
C ASP B 45 30.80 14.46 14.76
N MET B 46 29.55 14.02 14.90
CA MET B 46 28.41 14.90 14.57
C MET B 46 28.40 16.11 15.47
N GLU B 47 28.76 15.91 16.74
CA GLU B 47 28.75 16.99 17.72
C GLU B 47 29.81 18.03 17.41
N ILE B 48 30.92 17.60 16.81
CA ILE B 48 31.99 18.51 16.37
C ILE B 48 31.50 19.40 15.25
N THR B 49 30.81 18.83 14.26
CA THR B 49 30.18 19.67 13.21
C THR B 49 29.22 20.67 13.80
N LYS B 50 28.43 20.24 14.78
CA LYS B 50 27.54 21.17 15.46
C LYS B 50 28.33 22.31 16.12
N ASN B 51 29.38 21.97 16.86
CA ASN B 51 30.06 22.97 17.67
C ASN B 51 30.86 23.95 16.83
N ILE B 52 31.16 23.64 15.57
CA ILE B 52 31.75 24.62 14.68
C ILE B 52 30.72 25.35 13.82
N GLY B 53 29.44 25.08 13.99
CA GLY B 53 28.40 25.79 13.27
C GLY B 53 28.15 25.33 11.86
N GLU B 54 28.47 24.09 11.52
CA GLU B 54 28.27 23.62 10.15
C GLU B 54 27.12 22.62 10.06
N GLY B 55 26.34 22.50 11.13
CA GLY B 55 25.16 21.64 11.11
C GLY B 55 24.62 21.43 12.51
N GLU B 56 23.65 20.53 12.59
CA GLU B 56 23.02 20.20 13.85
C GLU B 56 22.52 18.76 13.76
N HIS B 57 22.24 18.18 14.93
CA HIS B 57 21.59 16.89 14.91
C HIS B 57 21.04 16.58 16.28
N THR B 58 20.04 15.70 16.29
CA THR B 58 19.48 15.24 17.54
C THR B 58 18.86 13.86 17.32
N ILE B 59 18.60 13.19 18.43
CA ILE B 59 18.11 11.82 18.44
C ILE B 59 16.99 11.73 19.45
N TYR B 60 15.87 11.15 19.03
CA TYR B 60 14.71 10.96 19.89
C TYR B 60 14.27 9.51 19.74
N SER B 61 13.81 8.94 20.83
CA SER B 61 13.20 7.62 20.78
C SER B 61 11.73 7.81 20.44
N ILE B 62 11.22 6.93 19.55
CA ILE B 62 9.90 7.02 18.93
C ILE B 62 8.95 6.01 19.54
N LEU B 63 7.74 6.45 19.88
CA LEU B 63 6.72 5.58 20.45
C LEU B 63 6.02 4.81 19.35
N GLY B 64 5.69 3.55 19.64
CA GLY B 64 4.93 2.76 18.69
C GLY B 64 5.81 2.03 17.76
N GLN B 65 5.18 1.30 16.87
CA GLN B 65 5.97 0.39 16.02
C GLN B 65 6.60 1.08 14.82
N LYS B 66 6.26 2.34 14.52
CA LYS B 66 6.75 2.97 13.30
C LYS B 66 8.26 3.05 13.30
N ALA B 67 8.86 3.19 14.49
CA ALA B 67 10.29 3.31 14.63
C ALA B 67 10.64 3.20 16.11
N ASP B 68 11.91 2.87 16.38
CA ASP B 68 12.48 3.00 17.71
C ASP B 68 13.22 4.30 17.92
N LEU B 69 13.82 4.83 16.84
CA LEU B 69 14.68 6.01 16.86
C LEU B 69 14.41 6.86 15.65
N VAL B 70 14.58 8.18 15.83
CA VAL B 70 14.78 9.08 14.71
C VAL B 70 16.11 9.82 14.89
N PHE B 71 16.89 9.87 13.83
CA PHE B 71 18.08 10.72 13.75
C PHE B 71 17.71 11.90 12.86
N PHE B 72 17.74 13.08 13.42
CA PHE B 72 17.39 14.34 12.73
C PHE B 72 18.69 15.10 12.54
N THR B 73 19.16 15.18 11.31
CA THR B 73 20.43 15.79 10.96
C THR B 73 20.21 16.97 10.01
N LEU B 74 21.00 18.03 10.20
CA LEU B 74 20.95 19.21 9.39
C LEU B 74 22.36 19.58 8.94
N ARG B 75 22.52 19.86 7.65
CA ARG B 75 23.83 20.15 7.07
C ARG B 75 23.71 21.25 6.04
N ASP B 76 24.87 21.83 5.68
CA ASP B 76 24.91 22.99 4.82
C ASP B 76 24.91 22.64 3.33
N SER B 77 25.07 21.36 2.96
CA SER B 77 24.87 20.94 1.57
C SER B 77 24.21 19.55 1.48
N LEU B 78 23.64 19.27 0.30
CA LEU B 78 23.14 17.91 0.04
C LEU B 78 24.27 16.90 -0.01
N GLU B 79 25.46 17.31 -0.50
CA GLU B 79 26.61 16.42 -0.51
C GLU B 79 26.98 16.00 0.92
N ALA B 80 27.06 16.96 1.84
CA ALA B 80 27.39 16.64 3.22
C ALA B 80 26.32 15.79 3.88
N LEU B 81 25.04 16.07 3.60
CA LEU B 81 23.98 15.26 4.17
C LEU B 81 24.06 13.84 3.63
N ASN B 82 24.36 13.70 2.33
CA ASN B 82 24.51 12.36 1.74
C ASN B 82 25.69 11.61 2.38
N GLU B 83 26.80 12.31 2.65
CA GLU B 83 27.98 11.65 3.21
C GLU B 83 27.70 11.15 4.63
N VAL B 84 27.02 11.95 5.42
CA VAL B 84 26.63 11.54 6.77
C VAL B 84 25.77 10.29 6.71
N GLU B 85 24.77 10.29 5.82
CA GLU B 85 23.88 9.14 5.74
C GLU B 85 24.66 7.90 5.38
N ASN B 86 25.55 8.03 4.41
CA ASN B 86 26.33 6.90 3.96
C ASN B 86 27.29 6.41 5.06
N ARG B 87 28.01 7.33 5.72
CA ARG B 87 28.87 6.93 6.84
C ARG B 87 28.07 6.26 7.95
N PHE B 88 26.87 6.77 8.24
CA PHE B 88 25.97 6.13 9.22
C PHE B 88 25.67 4.69 8.84
N ASN B 89 25.26 4.45 7.58
CA ASN B 89 24.87 3.10 7.18
C ASN B 89 26.04 2.13 7.18
N LYS B 90 27.26 2.63 7.15
CA LYS B 90 28.48 1.82 7.24
C LYS B 90 28.90 1.49 8.68
N LEU B 91 28.34 2.13 9.68
CA LEU B 91 28.57 1.66 11.05
C LEU B 91 28.15 0.21 11.21
N ALA B 92 28.91 -0.53 11.98
CA ALA B 92 28.49 -1.90 12.23
C ALA B 92 27.09 -1.98 12.84
N ILE B 93 26.76 -1.09 13.77
CA ILE B 93 25.48 -1.15 14.46
C ILE B 93 24.31 -0.83 13.52
N ALA B 94 24.57 -0.11 12.43
CA ALA B 94 23.50 0.24 11.50
C ALA B 94 22.85 -1.01 10.88
N ASP B 95 23.57 -2.13 10.84
CA ASP B 95 22.95 -3.37 10.36
C ASP B 95 21.75 -3.79 11.22
N TYR B 96 21.70 -3.30 12.46
CA TYR B 96 20.60 -3.59 13.37
C TYR B 96 19.57 -2.45 13.41
N LEU B 97 19.79 -1.39 12.63
CA LEU B 97 18.89 -0.23 12.58
C LEU B 97 18.23 -0.25 11.22
N LEU B 98 17.01 -0.87 11.17
CA LEU B 98 16.29 -1.10 9.94
C LEU B 98 15.56 0.17 9.52
N PRO B 99 15.68 0.58 8.27
CA PRO B 99 15.08 1.84 7.84
C PRO B 99 13.57 1.67 7.70
N THR B 100 12.80 2.54 8.36
CA THR B 100 11.36 2.44 8.27
C THR B 100 10.68 3.66 7.69
N TYR B 101 11.35 4.81 7.65
CA TYR B 101 10.85 6.00 7.00
C TYR B 101 11.96 7.05 6.98
N SER B 102 11.86 7.98 6.04
CA SER B 102 12.83 9.07 6.02
C SER B 102 12.15 10.24 5.35
N TYR B 103 12.73 11.43 5.59
CA TYR B 103 12.26 12.66 4.98
C TYR B 103 13.43 13.62 4.69
N ILE B 104 13.38 14.26 3.51
CA ILE B 104 14.40 15.19 3.01
C ILE B 104 13.72 16.54 2.81
N SER B 105 14.31 17.60 3.38
CA SER B 105 13.76 18.94 3.22
C SER B 105 14.86 19.97 3.44
N VAL B 106 14.49 21.23 3.25
CA VAL B 106 15.41 22.33 3.49
C VAL B 106 14.71 23.38 4.34
N VAL B 107 15.40 23.88 5.39
CA VAL B 107 14.77 24.85 6.29
C VAL B 107 14.33 26.05 5.48
N GLU B 108 13.11 26.51 5.73
CA GLU B 108 12.42 27.42 4.85
C GLU B 108 11.90 28.61 5.63
N LEU B 109 11.97 29.80 5.03
CA LEU B 109 11.54 31.02 5.69
C LEU B 109 10.98 31.93 4.61
N SER B 110 9.65 32.12 4.61
CA SER B 110 9.02 33.01 3.64
C SER B 110 8.52 34.30 4.27
N TYR B 124 20.09 37.43 4.88
CA TYR B 124 21.04 36.33 4.99
C TYR B 124 22.26 36.72 5.80
N GLN B 125 22.45 38.04 5.90
CA GLN B 125 23.40 38.66 6.81
C GLN B 125 22.80 38.86 8.21
N ASN B 126 21.50 38.68 8.35
CA ASN B 126 20.80 39.01 9.58
C ASN B 126 20.88 37.86 10.58
N LYS B 127 21.00 38.22 11.87
CA LYS B 127 21.22 37.19 12.89
C LYS B 127 19.94 36.47 13.30
N GLY B 128 18.80 37.16 13.32
CA GLY B 128 17.54 36.52 13.64
C GLY B 128 17.03 35.65 12.49
N VAL B 129 17.35 36.03 11.26
CA VAL B 129 17.09 35.18 10.11
C VAL B 129 18.00 33.98 10.15
N ARG B 130 19.31 34.23 10.29
CA ARG B 130 20.25 33.12 10.39
C ARG B 130 19.86 32.17 11.52
N ALA B 131 19.29 32.69 12.60
CA ALA B 131 18.86 31.83 13.70
C ALA B 131 17.68 30.94 13.30
N ARG B 132 16.85 31.42 12.36
CA ARG B 132 15.78 30.59 11.82
C ARG B 132 16.29 29.62 10.75
N LEU B 133 17.15 30.10 9.83
CA LEU B 133 17.60 29.28 8.69
C LEU B 133 18.56 28.17 9.11
N TYR B 134 19.26 28.37 10.21
CA TYR B 134 20.31 27.46 10.68
C TYR B 134 20.04 27.21 12.14
N PRO B 135 18.95 26.51 12.45
CA PRO B 135 18.43 26.56 13.81
C PRO B 135 19.22 25.68 14.76
N ALA B 136 19.42 26.21 15.97
CA ALA B 136 19.89 25.40 17.06
C ALA B 136 18.75 24.49 17.50
N LEU B 137 19.04 23.23 17.74
CA LEU B 137 17.99 22.30 18.13
C LEU B 137 17.80 22.37 19.65
N PRO B 138 16.62 22.70 20.15
CA PRO B 138 16.43 22.80 21.59
C PRO B 138 16.41 21.42 22.22
N PRO B 139 16.99 21.27 23.39
CA PRO B 139 16.99 19.98 24.10
C PRO B 139 15.66 19.71 24.80
N LYS B 140 14.55 19.82 24.05
CA LYS B 140 13.23 19.63 24.63
C LYS B 140 12.96 18.14 24.82
N LYS B 141 12.13 17.84 25.81
CA LYS B 141 11.85 16.45 26.17
C LYS B 141 11.24 15.66 25.02
N HIS B 142 10.46 16.30 24.16
CA HIS B 142 9.73 15.57 23.12
C HIS B 142 9.80 16.27 21.77
N ILE B 143 9.59 15.45 20.76
CA ILE B 143 9.56 15.86 19.37
C ILE B 143 8.28 15.33 18.75
N CYS B 144 7.85 16.03 17.70
CA CYS B 144 6.75 15.60 16.84
C CYS B 144 7.13 15.91 15.40
N PHE B 145 7.05 14.92 14.54
CA PHE B 145 7.30 15.11 13.12
C PHE B 145 6.08 14.67 12.30
N TYR B 146 5.75 15.44 11.26
CA TYR B 146 4.81 15.00 10.22
C TYR B 146 5.09 15.79 8.94
N PRO B 147 4.92 15.20 7.75
CA PRO B 147 4.89 16.01 6.53
C PRO B 147 3.48 16.45 6.16
N MET B 148 3.40 17.46 5.29
CA MET B 148 2.11 17.88 4.80
C MET B 148 2.27 18.53 3.45
N SER B 149 1.16 18.60 2.73
CA SER B 149 1.00 19.39 1.51
C SER B 149 -0.26 20.25 1.59
N LYS B 150 -0.37 21.17 0.65
CA LYS B 150 -1.59 21.93 0.49
C LYS B 150 -2.40 21.37 -0.67
N LYS B 151 -3.71 21.28 -0.47
CA LYS B 151 -4.60 20.59 -1.38
C LYS B 151 -4.74 21.32 -2.70
N ARG B 152 -4.94 20.55 -3.74
CA ARG B 152 -5.36 21.03 -5.03
C ARG B 152 -6.57 20.17 -5.42
N ASP B 153 -7.71 20.40 -4.77
CA ASP B 153 -8.81 19.44 -4.81
C ASP B 153 -10.11 20.21 -5.06
N GLY B 154 -10.55 20.24 -6.31
CA GLY B 154 -11.79 20.93 -6.61
C GLY B 154 -11.75 22.40 -6.21
N ALA B 155 -12.76 22.82 -5.44
CA ALA B 155 -12.81 24.19 -4.94
C ALA B 155 -11.88 24.44 -3.78
N ASP B 156 -11.26 23.40 -3.23
CA ASP B 156 -10.24 23.58 -2.19
C ASP B 156 -8.86 23.48 -2.83
N ASN B 157 -8.48 24.51 -3.58
CA ASN B 157 -7.22 24.49 -4.32
C ASN B 157 -6.36 25.68 -3.90
N TRP B 158 -5.38 25.37 -3.06
CA TRP B 158 -4.48 26.41 -2.50
C TRP B 158 -3.72 27.14 -3.56
N TYR B 159 -3.20 26.40 -4.54
CA TYR B 159 -2.35 26.98 -5.57
C TYR B 159 -3.13 27.77 -6.63
N MET B 160 -4.46 27.70 -6.64
CA MET B 160 -5.26 28.55 -7.52
C MET B 160 -5.77 29.80 -6.80
N LEU B 161 -5.55 29.94 -5.50
CA LEU B 161 -5.94 31.16 -4.80
C LEU B 161 -5.12 32.36 -5.25
N PRO B 162 -5.71 33.55 -5.32
CA PRO B 162 -4.91 34.77 -5.51
C PRO B 162 -3.98 35.04 -4.33
N MET B 163 -2.88 35.72 -4.65
CA MET B 163 -1.84 36.05 -3.67
C MET B 163 -2.42 36.62 -2.38
N GLU B 164 -3.35 37.56 -2.47
CA GLU B 164 -3.78 38.26 -1.26
C GLU B 164 -4.66 37.38 -0.39
N GLU B 165 -5.38 36.43 -0.98
CA GLU B 165 -6.15 35.49 -0.17
C GLU B 165 -5.23 34.55 0.59
N ARG B 166 -4.21 34.01 -0.07
CA ARG B 166 -3.26 33.16 0.64
C ARG B 166 -2.56 33.94 1.75
N GLN B 167 -2.20 35.20 1.49
CA GLN B 167 -1.48 35.98 2.51
C GLN B 167 -2.30 36.12 3.78
N GLN B 168 -3.60 36.37 3.63
CA GLN B 168 -4.50 36.45 4.78
C GLN B 168 -4.62 35.11 5.52
N LEU B 169 -4.68 33.99 4.79
CA LEU B 169 -4.80 32.70 5.43
C LEU B 169 -3.55 32.34 6.21
N ILE B 170 -2.36 32.61 5.65
CA ILE B 170 -1.11 32.38 6.35
C ILE B 170 -0.96 33.30 7.55
N ARG B 171 -1.34 34.56 7.40
CA ARG B 171 -1.32 35.48 8.54
C ARG B 171 -2.00 34.87 9.76
N ASP B 172 -3.24 34.37 9.58
CA ASP B 172 -4.04 33.89 10.72
C ASP B 172 -3.41 32.68 11.38
N HIS B 173 -2.87 31.77 10.58
CA HIS B 173 -2.16 30.63 11.12
C HIS B 173 -0.98 31.07 12.00
N GLY B 174 -0.32 32.16 11.63
CA GLY B 174 0.79 32.66 12.41
C GLY B 174 0.42 33.20 13.79
N LEU B 175 -0.77 33.77 13.91
CA LEU B 175 -1.21 34.25 15.21
C LEU B 175 -1.34 33.09 16.20
N ILE B 176 -1.85 31.96 15.72
CA ILE B 176 -1.95 30.78 16.57
C ILE B 176 -0.57 30.38 17.05
N GLY B 177 0.36 30.24 16.13
CA GLY B 177 1.70 29.88 16.52
C GLY B 177 2.27 30.82 17.59
N ARG B 178 2.04 32.13 17.44
CA ARG B 178 2.57 33.09 18.43
C ARG B 178 2.07 32.75 19.81
N SER B 179 0.81 32.31 19.92
CA SER B 179 0.26 32.00 21.23
C SER B 179 0.89 30.77 21.86
N TYR B 180 1.64 29.98 21.10
CA TYR B 180 2.36 28.84 21.66
C TYR B 180 3.85 29.15 21.89
N ALA B 181 4.24 30.43 21.90
CA ALA B 181 5.62 30.75 22.23
C ALA B 181 5.92 30.26 23.63
N GLY B 182 7.03 29.57 23.78
CA GLY B 182 7.42 29.08 25.08
C GLY B 182 6.82 27.73 25.41
N LYS B 183 5.92 27.26 24.59
CA LYS B 183 5.33 25.95 24.71
C LYS B 183 5.78 25.00 23.61
N VAL B 184 5.85 25.49 22.38
CA VAL B 184 6.21 24.69 21.21
C VAL B 184 7.17 25.50 20.36
N GLN B 185 8.24 24.85 19.89
CA GLN B 185 9.15 25.40 18.90
C GLN B 185 9.06 24.57 17.62
N GLN B 186 8.99 25.26 16.48
CA GLN B 186 8.73 24.64 15.20
C GLN B 186 9.92 24.86 14.28
N ILE B 187 10.28 23.82 13.53
CA ILE B 187 11.14 23.96 12.36
C ILE B 187 10.31 23.52 11.17
N ILE B 188 10.20 24.40 10.17
CA ILE B 188 9.48 24.11 8.93
C ILE B 188 10.50 23.88 7.82
N GLY B 189 10.54 22.66 7.29
CA GLY B 189 11.34 22.35 6.14
C GLY B 189 10.50 22.27 4.87
N GLY B 190 10.95 22.99 3.85
CA GLY B 190 10.32 22.90 2.56
C GLY B 190 10.88 21.70 1.84
N SER B 191 9.98 20.99 1.12
CA SER B 191 10.39 19.79 0.42
C SER B 191 9.82 19.66 -0.97
N ILE B 192 9.22 20.70 -1.54
CA ILE B 192 8.87 20.62 -2.95
C ILE B 192 10.13 20.40 -3.77
N GLY B 193 10.13 19.35 -4.60
CA GLY B 193 11.29 18.96 -5.37
C GLY B 193 12.22 17.99 -4.68
N PHE B 194 12.08 17.80 -3.36
CA PHE B 194 12.98 17.01 -2.55
C PHE B 194 12.36 15.76 -1.96
N ASP B 195 11.03 15.75 -1.73
CA ASP B 195 10.39 14.56 -1.15
C ASP B 195 8.90 14.55 -1.54
N ASP B 196 8.12 13.67 -0.93
CA ASP B 196 6.80 13.29 -1.46
C ASP B 196 5.70 14.24 -1.07
N TYR B 197 5.88 15.01 -0.01
CA TYR B 197 5.00 16.07 0.43
C TYR B 197 5.73 17.39 0.22
N GLU B 198 5.10 18.48 0.65
CA GLU B 198 5.58 19.82 0.34
C GLU B 198 6.29 20.46 1.52
N TRP B 199 6.02 20.04 2.74
CA TRP B 199 6.71 20.52 3.93
C TRP B 199 6.92 19.36 4.89
N GLY B 200 8.05 19.39 5.61
CA GLY B 200 8.28 18.56 6.78
C GLY B 200 8.19 19.46 8.00
N VAL B 201 7.33 19.13 8.94
CA VAL B 201 7.08 19.93 10.15
C VAL B 201 7.68 19.21 11.34
N THR B 202 8.64 19.82 12.02
CA THR B 202 9.16 19.28 13.27
C THR B 202 8.79 20.21 14.42
N LEU B 203 8.19 19.65 15.47
CA LEU B 203 7.85 20.39 16.67
C LEU B 203 8.59 19.82 17.87
N PHE B 204 8.96 20.72 18.79
CA PHE B 204 9.68 20.41 20.02
C PHE B 204 8.94 21.04 21.20
N SER B 205 8.78 20.28 22.28
CA SER B 205 8.12 20.78 23.47
C SER B 205 8.53 19.92 24.65
N ASP B 206 8.45 20.48 25.85
CA ASP B 206 8.64 19.70 27.06
C ASP B 206 7.32 19.10 27.55
N ASP B 207 6.19 19.43 26.92
CA ASP B 207 4.89 18.85 27.22
C ASP B 207 4.28 18.36 25.91
N ALA B 208 4.26 17.04 25.76
CA ALA B 208 3.76 16.41 24.54
C ALA B 208 2.31 16.79 24.25
N LEU B 209 1.53 17.14 25.29
CA LEU B 209 0.15 17.53 25.03
C LEU B 209 0.07 18.84 24.29
N GLU B 210 1.13 19.64 24.33
CA GLU B 210 1.13 20.87 23.54
C GLU B 210 1.15 20.58 22.05
N PHE B 211 1.67 19.41 21.64
CA PHE B 211 1.60 19.04 20.23
C PHE B 211 0.16 18.90 19.82
N LYS B 212 -0.59 18.20 20.64
CA LYS B 212 -2.00 17.95 20.35
C LYS B 212 -2.77 19.25 20.34
N ARG B 213 -2.49 20.10 21.30
CA ARG B 213 -3.20 21.37 21.37
C ARG B 213 -2.93 22.23 20.14
N ILE B 214 -1.66 22.44 19.78
CA ILE B 214 -1.39 23.39 18.70
C ILE B 214 -1.89 22.82 17.37
N VAL B 215 -1.72 21.51 17.15
CA VAL B 215 -2.08 20.94 15.86
C VAL B 215 -3.61 20.88 15.73
N THR B 216 -4.32 20.65 16.83
CA THR B 216 -5.78 20.73 16.81
C THR B 216 -6.24 22.16 16.57
N GLU B 217 -5.63 23.13 17.28
CA GLU B 217 -6.04 24.51 17.10
C GLU B 217 -5.86 24.95 15.66
N MET B 218 -4.72 24.62 15.07
CA MET B 218 -4.48 24.99 13.68
C MET B 218 -5.49 24.30 12.76
N ARG B 219 -5.89 23.07 13.09
CA ARG B 219 -6.79 22.34 12.19
C ARG B 219 -8.15 23.02 12.05
N PHE B 220 -8.56 23.85 13.03
CA PHE B 220 -9.79 24.62 12.92
C PHE B 220 -9.59 25.98 12.23
N ASP B 221 -8.35 26.38 11.98
CA ASP B 221 -8.03 27.55 11.17
C ASP B 221 -8.14 27.21 9.69
N GLU B 222 -8.66 28.14 8.92
CA GLU B 222 -9.09 27.84 7.55
C GLU B 222 -7.94 27.37 6.68
N ALA B 223 -6.75 27.97 6.86
CA ALA B 223 -5.60 27.52 6.08
C ALA B 223 -5.38 26.01 6.17
N SER B 224 -5.50 25.43 7.37
CA SER B 224 -5.36 23.98 7.52
C SER B 224 -6.68 23.25 7.32
N ALA B 225 -7.80 23.80 7.88
CA ALA B 225 -9.09 23.10 7.81
C ALA B 225 -9.47 22.77 6.37
N ARG B 226 -9.22 23.70 5.47
CA ARG B 226 -9.60 23.53 4.08
C ARG B 226 -8.50 22.99 3.18
N TYR B 227 -7.24 23.32 3.47
CA TYR B 227 -6.15 23.10 2.55
C TYR B 227 -5.05 22.14 3.03
N ALA B 228 -5.04 21.68 4.27
CA ALA B 228 -3.94 20.82 4.70
C ALA B 228 -4.20 19.34 4.37
N GLU B 229 -3.16 18.67 3.89
CA GLU B 229 -3.13 17.25 3.68
C GLU B 229 -1.96 16.68 4.48
N PHE B 230 -2.21 15.74 5.39
CA PHE B 230 -1.22 15.32 6.37
C PHE B 230 -0.69 13.92 6.06
N GLY B 231 0.59 13.72 6.35
CA GLY B 231 1.19 12.42 6.31
C GLY B 231 1.06 11.76 7.67
N SER B 232 1.98 10.84 7.94
CA SER B 232 2.01 10.16 9.23
C SER B 232 2.64 11.06 10.30
N PHE B 233 2.23 10.83 11.56
CA PHE B 233 2.75 11.54 12.71
C PHE B 233 3.64 10.62 13.52
N PHE B 234 4.79 11.16 13.93
CA PHE B 234 5.77 10.46 14.74
C PHE B 234 6.04 11.28 15.99
N ILE B 235 6.06 10.63 17.16
CA ILE B 235 6.28 11.33 18.42
C ILE B 235 7.31 10.58 19.27
N GLY B 236 8.15 11.34 19.98
CA GLY B 236 9.32 10.77 20.60
C GLY B 236 9.83 11.54 21.81
N ASN B 237 10.78 10.90 22.50
CA ASN B 237 11.39 11.41 23.72
C ASN B 237 12.88 11.58 23.52
N LEU B 238 13.41 12.68 24.04
CA LEU B 238 14.83 12.99 23.89
C LEU B 238 15.71 11.85 24.37
N LEU B 239 16.69 11.46 23.52
CA LEU B 239 17.71 10.47 23.85
C LEU B 239 19.07 11.15 23.94
N LEU B 240 19.60 11.22 25.13
CA LEU B 240 21.00 11.55 25.29
C LEU B 240 21.82 10.27 25.48
N SER B 241 23.10 10.46 25.74
CA SER B 241 24.04 9.34 25.80
C SER B 241 23.57 8.26 26.79
N GLU B 242 23.11 8.68 27.97
CA GLU B 242 22.70 7.69 28.96
C GLU B 242 21.48 6.92 28.50
N GLN B 243 20.48 7.59 27.94
CA GLN B 243 19.30 6.86 27.53
C GLN B 243 19.62 5.98 26.31
N LEU B 244 20.61 6.39 25.51
CA LEU B 244 21.05 5.56 24.39
C LEU B 244 21.64 4.23 24.87
N SER B 245 22.49 4.27 25.89
CA SER B 245 23.09 3.04 26.40
C SER B 245 22.02 2.12 27.01
N LYS B 246 21.06 2.70 27.74
CA LYS B 246 19.96 1.92 28.30
C LYS B 246 19.13 1.27 27.20
N LEU B 247 18.79 2.05 26.18
CA LEU B 247 18.00 1.55 25.07
C LEU B 247 18.54 0.21 24.55
N PHE B 248 19.88 0.13 24.39
CA PHE B 248 20.47 -1.04 23.76
C PHE B 248 20.88 -2.11 24.76
N THR B 249 20.73 -1.87 26.06
CA THR B 249 21.09 -2.90 27.03
C THR B 249 19.99 -3.94 27.05
N ILE B 250 20.36 -5.18 26.77
CA ILE B 250 19.40 -6.25 26.54
C ILE B 250 19.76 -7.53 27.30
N GLU C 2 -30.62 -2.23 -18.89
CA GLU C 2 -29.59 -1.21 -18.82
C GLU C 2 -28.23 -1.90 -19.05
N ALA C 3 -28.01 -3.02 -18.37
CA ALA C 3 -26.69 -3.65 -18.26
C ALA C 3 -26.17 -4.25 -19.57
N VAL C 4 -24.84 -4.13 -19.76
CA VAL C 4 -24.15 -4.85 -20.82
C VAL C 4 -24.30 -6.35 -20.62
N LYS C 5 -24.36 -7.08 -21.73
CA LYS C 5 -24.40 -8.54 -21.75
C LYS C 5 -23.28 -9.02 -22.66
N THR C 6 -22.55 -10.06 -22.24
CA THR C 6 -21.31 -10.41 -22.90
C THR C 6 -21.29 -11.88 -23.31
N LEU C 7 -20.48 -12.16 -24.32
CA LEU C 7 -20.00 -13.48 -24.67
C LEU C 7 -18.62 -13.69 -24.06
N ASP C 8 -18.40 -14.86 -23.45
CA ASP C 8 -17.15 -15.11 -22.73
C ASP C 8 -16.45 -16.37 -23.25
N GLY C 9 -15.11 -16.29 -23.38
CA GLY C 9 -14.34 -17.37 -23.97
C GLY C 9 -13.31 -17.96 -23.01
N TRP C 10 -12.04 -18.04 -23.42
CA TRP C 10 -11.03 -18.68 -22.57
C TRP C 10 -10.83 -17.91 -21.27
N PHE C 11 -10.53 -18.65 -20.22
CA PHE C 11 -10.10 -18.07 -18.97
C PHE C 11 -8.61 -17.78 -19.08
N CYS C 12 -8.18 -16.66 -18.50
CA CYS C 12 -6.85 -16.09 -18.69
C CYS C 12 -6.16 -15.88 -17.35
N LEU C 13 -4.88 -16.25 -17.30
CA LEU C 13 -3.98 -15.90 -16.21
C LEU C 13 -2.80 -15.13 -16.77
N HIS C 14 -2.58 -13.94 -16.24
CA HIS C 14 -1.35 -13.16 -16.44
C HIS C 14 -0.56 -13.35 -15.14
N ASP C 15 0.57 -14.03 -15.21
CA ASP C 15 1.37 -14.38 -14.04
C ASP C 15 2.74 -13.68 -14.13
N PHE C 16 2.94 -12.64 -13.36
CA PHE C 16 4.19 -11.83 -13.40
C PHE C 16 5.16 -12.31 -12.32
N ARG C 17 6.40 -12.54 -12.72
CA ARG C 17 7.42 -13.10 -11.83
C ARG C 17 8.68 -12.26 -11.94
N SER C 18 9.38 -12.12 -10.81
CA SER C 18 10.71 -11.52 -10.75
C SER C 18 11.70 -12.61 -10.35
N ILE C 19 12.79 -12.73 -11.10
CA ILE C 19 13.76 -13.77 -10.83
C ILE C 19 14.60 -13.37 -9.63
N ASP C 20 14.79 -14.32 -8.73
CA ASP C 20 15.59 -14.11 -7.53
C ASP C 20 17.04 -14.39 -7.90
N TRP C 21 17.67 -13.36 -8.46
CA TRP C 21 19.00 -13.58 -9.06
C TRP C 21 20.00 -14.07 -8.02
N ALA C 22 19.93 -13.54 -6.81
CA ALA C 22 20.96 -13.89 -5.83
C ALA C 22 20.85 -15.35 -5.44
N ALA C 23 19.61 -15.85 -5.28
CA ALA C 23 19.39 -17.27 -4.97
C ALA C 23 19.77 -18.12 -6.17
N TRP C 24 19.38 -17.70 -7.37
CA TRP C 24 19.68 -18.46 -8.57
C TRP C 24 21.18 -18.56 -8.77
N ARG C 25 21.90 -17.47 -8.44
CA ARG C 25 23.35 -17.43 -8.62
C ARG C 25 24.04 -18.40 -7.68
N GLU C 26 23.45 -18.65 -6.50
CA GLU C 26 24.07 -19.57 -5.56
C GLU C 26 23.91 -21.03 -6.01
N LEU C 27 22.96 -21.31 -6.90
CA LEU C 27 22.77 -22.66 -7.38
C LEU C 27 23.93 -23.11 -8.27
N ASN C 28 24.37 -24.33 -8.08
CA ASN C 28 25.38 -24.89 -8.96
C ASN C 28 24.84 -24.90 -10.40
N PRO C 29 25.70 -24.70 -11.41
CA PRO C 29 25.19 -24.68 -12.80
C PRO C 29 24.50 -25.98 -13.22
N GLY C 30 24.89 -27.11 -12.60
CA GLY C 30 24.18 -28.36 -12.81
C GLY C 30 22.73 -28.30 -12.34
N ASN C 31 22.51 -27.75 -11.16
CA ASN C 31 21.14 -27.64 -10.68
C ASN C 31 20.34 -26.71 -11.57
N GLN C 32 20.97 -25.61 -12.03
CA GLN C 32 20.30 -24.67 -12.93
C GLN C 32 19.84 -25.38 -14.19
N GLU C 33 20.71 -26.19 -14.77
CA GLU C 33 20.37 -26.86 -16.03
C GLU C 33 19.23 -27.84 -15.80
N LEU C 34 19.26 -28.55 -14.70
CA LEU C 34 18.23 -29.52 -14.39
C LEU C 34 16.86 -28.84 -14.25
N MET C 35 16.83 -27.68 -13.59
CA MET C 35 15.59 -26.96 -13.40
C MET C 35 15.08 -26.36 -14.71
N LEU C 36 15.97 -25.87 -15.58
CA LEU C 36 15.51 -25.37 -16.87
C LEU C 36 15.01 -26.51 -17.77
N ASN C 37 15.62 -27.68 -17.67
CA ASN C 37 15.14 -28.84 -18.42
C ASN C 37 13.72 -29.20 -17.98
N GLU C 38 13.47 -29.24 -16.68
CA GLU C 38 12.12 -29.47 -16.17
C GLU C 38 11.14 -28.42 -16.68
N LEU C 39 11.53 -27.15 -16.64
CA LEU C 39 10.66 -26.09 -17.18
C LEU C 39 10.40 -26.30 -18.66
N SER C 40 11.44 -26.69 -19.39
CA SER C 40 11.32 -26.89 -20.82
C SER C 40 10.32 -28.01 -21.14
N HIS C 41 10.34 -29.10 -20.36
CA HIS C 41 9.32 -30.15 -20.47
C HIS C 41 7.93 -29.59 -20.21
N PHE C 42 7.79 -28.77 -19.17
CA PHE C 42 6.49 -28.19 -18.85
C PHE C 42 5.97 -27.37 -20.01
N LEU C 43 6.84 -26.62 -20.68
CA LEU C 43 6.43 -25.77 -21.78
C LEU C 43 6.12 -26.56 -23.03
N SER C 44 6.82 -27.66 -23.23
CA SER C 44 6.47 -28.53 -24.34
C SER C 44 5.05 -29.11 -24.16
N ASP C 45 4.71 -29.54 -22.93
CA ASP C 45 3.34 -29.98 -22.65
C ASP C 45 2.32 -28.88 -22.92
N MET C 46 2.62 -27.65 -22.52
CA MET C 46 1.69 -26.56 -22.82
C MET C 46 1.57 -26.34 -24.31
N GLU C 47 2.64 -26.60 -25.05
CA GLU C 47 2.56 -26.41 -26.49
C GLU C 47 1.66 -27.47 -27.11
N ILE C 48 1.67 -28.68 -26.55
CA ILE C 48 0.73 -29.71 -26.99
C ILE C 48 -0.71 -29.21 -26.83
N THR C 49 -1.05 -28.71 -25.64
CA THR C 49 -2.39 -28.20 -25.39
C THR C 49 -2.77 -27.12 -26.39
N LYS C 50 -1.79 -26.28 -26.76
CA LYS C 50 -2.04 -25.22 -27.74
C LYS C 50 -2.30 -25.80 -29.12
N ASN C 51 -1.48 -26.79 -29.53
CA ASN C 51 -1.61 -27.36 -30.86
C ASN C 51 -2.94 -28.10 -31.06
N ILE C 52 -3.49 -28.69 -30.02
CA ILE C 52 -4.79 -29.35 -30.15
C ILE C 52 -5.94 -28.37 -29.91
N GLY C 53 -5.63 -27.08 -29.75
CA GLY C 53 -6.68 -26.07 -29.66
C GLY C 53 -7.40 -26.01 -28.33
N GLU C 54 -6.79 -26.50 -27.25
CA GLU C 54 -7.45 -26.45 -25.95
C GLU C 54 -6.91 -25.33 -25.06
N GLY C 55 -6.07 -24.46 -25.61
CA GLY C 55 -5.62 -23.31 -24.86
C GLY C 55 -4.51 -22.62 -25.61
N GLU C 56 -3.90 -21.68 -24.92
CA GLU C 56 -2.87 -20.83 -25.50
C GLU C 56 -1.96 -20.38 -24.40
N HIS C 57 -0.75 -20.01 -24.76
CA HIS C 57 0.14 -19.37 -23.80
C HIS C 57 1.25 -18.64 -24.54
N THR C 58 1.85 -17.71 -23.81
CA THR C 58 3.02 -17.03 -24.33
C THR C 58 3.79 -16.45 -23.15
N ILE C 59 5.04 -16.08 -23.42
CA ILE C 59 5.93 -15.54 -22.41
C ILE C 59 6.62 -14.31 -23.00
N TYR C 60 6.68 -13.23 -22.22
CA TYR C 60 7.42 -12.02 -22.56
C TYR C 60 8.35 -11.65 -21.40
N SER C 61 9.52 -11.10 -21.71
CA SER C 61 10.34 -10.49 -20.64
C SER C 61 9.87 -9.06 -20.40
N ILE C 62 9.79 -8.67 -19.14
CA ILE C 62 9.16 -7.41 -18.73
C ILE C 62 10.25 -6.42 -18.32
N LEU C 63 10.08 -5.15 -18.74
CA LEU C 63 11.04 -4.08 -18.40
C LEU C 63 10.74 -3.48 -17.05
N GLY C 64 11.82 -3.07 -16.38
CA GLY C 64 11.72 -2.43 -15.09
C GLY C 64 11.67 -3.48 -14.00
N GLN C 65 11.54 -3.01 -12.76
CA GLN C 65 11.61 -3.87 -11.58
C GLN C 65 10.30 -4.61 -11.27
N LYS C 66 9.18 -4.25 -11.92
CA LYS C 66 7.90 -4.90 -11.57
C LYS C 66 7.94 -6.40 -11.77
N ALA C 67 8.64 -6.84 -12.81
CA ALA C 67 8.73 -8.24 -13.16
C ALA C 67 9.93 -8.42 -14.08
N ASP C 68 10.44 -9.64 -14.14
CA ASP C 68 11.37 -10.04 -15.19
C ASP C 68 10.67 -10.74 -16.33
N LEU C 69 9.52 -11.36 -16.07
CA LEU C 69 8.77 -12.01 -17.14
C LEU C 69 7.30 -12.14 -16.77
N VAL C 70 6.51 -12.32 -17.80
CA VAL C 70 5.10 -12.67 -17.61
C VAL C 70 4.81 -13.96 -18.37
N PHE C 71 4.07 -14.85 -17.72
CA PHE C 71 3.51 -16.03 -18.36
C PHE C 71 2.03 -15.74 -18.53
N PHE C 72 1.58 -15.61 -19.77
CA PHE C 72 0.19 -15.38 -20.11
C PHE C 72 -0.39 -16.70 -20.61
N THR C 73 -1.35 -17.22 -19.87
CA THR C 73 -1.92 -18.54 -20.14
C THR C 73 -3.43 -18.46 -20.28
N LEU C 74 -3.97 -19.25 -21.22
CA LEU C 74 -5.40 -19.26 -21.56
C LEU C 74 -5.87 -20.70 -21.62
N ARG C 75 -6.95 -21.01 -20.90
CA ARG C 75 -7.54 -22.36 -20.81
C ARG C 75 -9.07 -22.30 -20.89
N ASP C 76 -9.71 -23.43 -21.14
CA ASP C 76 -11.14 -23.37 -21.39
C ASP C 76 -11.99 -23.52 -20.11
N SER C 77 -11.36 -23.66 -18.94
CA SER C 77 -12.04 -23.75 -17.66
C SER C 77 -11.16 -23.18 -16.56
N LEU C 78 -11.80 -22.72 -15.47
CA LEU C 78 -11.03 -22.29 -14.32
C LEU C 78 -10.28 -23.46 -13.69
N GLU C 79 -10.80 -24.67 -13.80
CA GLU C 79 -10.10 -25.82 -13.22
C GLU C 79 -8.82 -26.11 -13.99
N ALA C 80 -8.86 -26.07 -15.33
CA ALA C 80 -7.65 -26.29 -16.11
C ALA C 80 -6.63 -25.18 -15.89
N LEU C 81 -7.09 -23.95 -15.73
CA LEU C 81 -6.18 -22.85 -15.43
C LEU C 81 -5.50 -23.05 -14.07
N ASN C 82 -6.30 -23.37 -13.04
CA ASN C 82 -5.80 -23.64 -11.67
C ASN C 82 -4.74 -24.73 -11.69
N GLU C 83 -4.93 -25.75 -12.54
CA GLU C 83 -3.98 -26.88 -12.59
C GLU C 83 -2.65 -26.50 -13.23
N VAL C 84 -2.68 -25.74 -14.33
CA VAL C 84 -1.47 -25.12 -14.88
C VAL C 84 -0.73 -24.36 -13.81
N GLU C 85 -1.44 -23.46 -13.14
CA GLU C 85 -0.80 -22.60 -12.14
C GLU C 85 -0.13 -23.45 -11.07
N ASN C 86 -0.85 -24.44 -10.53
CA ASN C 86 -0.34 -25.24 -9.42
C ASN C 86 0.82 -26.11 -9.86
N ARG C 87 0.76 -26.65 -11.08
CA ARG C 87 1.89 -27.42 -11.57
C ARG C 87 3.11 -26.54 -11.85
N PHE C 88 2.88 -25.32 -12.35
CA PHE C 88 3.99 -24.36 -12.52
C PHE C 88 4.66 -24.07 -11.19
N ASN C 89 3.87 -23.73 -10.18
CA ASN C 89 4.44 -23.40 -8.89
C ASN C 89 5.20 -24.55 -8.28
N LYS C 90 4.98 -25.79 -8.74
CA LYS C 90 5.66 -26.92 -8.12
C LYS C 90 6.88 -27.36 -8.91
N LEU C 91 7.15 -26.69 -10.04
CA LEU C 91 8.44 -26.80 -10.70
C LEU C 91 9.54 -26.31 -9.76
N ALA C 92 10.66 -26.99 -9.80
CA ALA C 92 11.80 -26.55 -9.00
C ALA C 92 12.17 -25.12 -9.31
N ILE C 93 12.11 -24.73 -10.58
CA ILE C 93 12.58 -23.38 -10.93
C ILE C 93 11.65 -22.32 -10.35
N ALA C 94 10.39 -22.67 -10.07
CA ALA C 94 9.46 -21.65 -9.61
C ALA C 94 9.81 -21.10 -8.23
N ASP C 95 10.62 -21.83 -7.45
CA ASP C 95 11.14 -21.28 -6.19
C ASP C 95 11.97 -20.02 -6.46
N TYR C 96 12.51 -19.86 -7.68
CA TYR C 96 13.32 -18.70 -8.00
C TYR C 96 12.55 -17.62 -8.73
N LEU C 97 11.26 -17.86 -9.00
CA LEU C 97 10.36 -16.97 -9.72
C LEU C 97 9.39 -16.40 -8.72
N LEU C 98 9.74 -15.20 -8.18
CA LEU C 98 8.98 -14.62 -7.10
C LEU C 98 7.71 -13.97 -7.67
N PRO C 99 6.56 -14.19 -7.02
CA PRO C 99 5.30 -13.62 -7.56
C PRO C 99 5.19 -12.13 -7.28
N THR C 100 5.02 -11.33 -8.31
CA THR C 100 4.94 -9.88 -8.08
C THR C 100 3.61 -9.28 -8.47
N TYR C 101 2.86 -9.92 -9.34
CA TYR C 101 1.53 -9.47 -9.71
C TYR C 101 0.85 -10.55 -10.53
N SER C 102 -0.47 -10.57 -10.47
CA SER C 102 -1.20 -11.50 -11.32
C SER C 102 -2.56 -10.93 -11.66
N TYR C 103 -3.15 -11.46 -12.73
CA TYR C 103 -4.47 -11.03 -13.15
C TYR C 103 -5.26 -12.22 -13.70
N ILE C 104 -6.53 -12.32 -13.27
CA ILE C 104 -7.46 -13.35 -13.70
C ILE C 104 -8.58 -12.70 -14.51
N SER C 105 -8.87 -13.24 -15.69
CA SER C 105 -9.93 -12.67 -16.52
C SER C 105 -10.51 -13.72 -17.46
N VAL C 106 -11.54 -13.33 -18.20
CA VAL C 106 -12.08 -14.19 -19.24
C VAL C 106 -12.25 -13.37 -20.51
N VAL C 107 -11.81 -13.90 -21.64
CA VAL C 107 -11.87 -13.15 -22.89
C VAL C 107 -13.33 -12.76 -23.12
N GLU C 108 -13.54 -11.48 -23.42
CA GLU C 108 -14.87 -10.88 -23.38
C GLU C 108 -15.20 -10.25 -24.72
N LEU C 109 -16.44 -10.44 -25.16
CA LEU C 109 -17.01 -9.79 -26.33
C LEU C 109 -18.31 -9.12 -25.86
N SER C 110 -18.35 -7.79 -25.89
CA SER C 110 -19.48 -7.03 -25.36
C SER C 110 -20.55 -6.81 -26.43
N ASN C 111 -21.80 -6.71 -25.98
CA ASN C 111 -22.97 -6.61 -26.87
C ASN C 111 -23.22 -5.20 -27.38
N TYR C 112 -22.44 -4.22 -26.94
CA TYR C 112 -22.62 -2.85 -27.39
C TYR C 112 -22.46 -2.73 -28.91
N GLN C 125 -21.27 -19.91 -32.88
CA GLN C 125 -20.24 -20.63 -33.62
C GLN C 125 -19.67 -19.79 -34.76
N ASN C 126 -20.12 -18.53 -34.82
CA ASN C 126 -19.56 -17.58 -35.77
C ASN C 126 -18.04 -17.68 -35.71
N LYS C 127 -17.44 -18.20 -36.77
CA LYS C 127 -16.00 -18.35 -36.82
C LYS C 127 -15.30 -17.06 -36.44
N GLY C 128 -15.88 -15.92 -36.84
CA GLY C 128 -15.34 -14.62 -36.45
C GLY C 128 -15.54 -14.31 -34.98
N VAL C 129 -16.43 -15.03 -34.30
CA VAL C 129 -16.57 -14.90 -32.84
C VAL C 129 -15.61 -15.85 -32.13
N ARG C 130 -15.51 -17.10 -32.59
CA ARG C 130 -14.55 -18.02 -31.99
C ARG C 130 -13.14 -17.45 -32.05
N ALA C 131 -12.78 -16.86 -33.19
CA ALA C 131 -11.46 -16.24 -33.32
C ALA C 131 -11.23 -15.18 -32.27
N ARG C 132 -12.28 -14.45 -31.89
CA ARG C 132 -12.15 -13.47 -30.82
C ARG C 132 -12.19 -14.16 -29.44
N LEU C 133 -13.07 -15.14 -29.25
CA LEU C 133 -13.27 -15.74 -27.92
C LEU C 133 -12.16 -16.70 -27.52
N TYR C 134 -11.52 -17.32 -28.51
CA TYR C 134 -10.50 -18.35 -28.30
C TYR C 134 -9.30 -17.89 -29.11
N PRO C 135 -8.69 -16.79 -28.70
CA PRO C 135 -7.72 -16.11 -29.56
C PRO C 135 -6.41 -16.88 -29.67
N ALA C 136 -5.96 -17.03 -30.91
CA ALA C 136 -4.57 -17.40 -31.12
C ALA C 136 -3.70 -16.18 -30.83
N LEU C 137 -2.64 -16.36 -30.08
CA LEU C 137 -1.80 -15.22 -29.70
C LEU C 137 -0.82 -14.89 -30.82
N PRO C 138 -0.76 -13.66 -31.29
CA PRO C 138 0.18 -13.31 -32.36
C PRO C 138 1.59 -13.21 -31.78
N PRO C 139 2.59 -13.69 -32.49
CA PRO C 139 3.96 -13.63 -31.94
C PRO C 139 4.62 -12.29 -32.26
N LYS C 140 4.03 -11.22 -31.75
CA LYS C 140 4.57 -9.88 -31.92
C LYS C 140 5.71 -9.63 -30.96
N LYS C 141 6.58 -8.68 -31.34
CA LYS C 141 7.79 -8.43 -30.54
C LYS C 141 7.49 -7.91 -29.15
N HIS C 142 6.36 -7.21 -28.97
CA HIS C 142 6.08 -6.57 -27.69
C HIS C 142 4.68 -6.85 -27.18
N ILE C 143 4.54 -6.77 -25.84
CA ILE C 143 3.26 -6.92 -25.15
C ILE C 143 3.14 -5.72 -24.23
N CYS C 144 1.91 -5.28 -24.04
CA CYS C 144 1.54 -4.30 -23.04
C CYS C 144 0.31 -4.81 -22.30
N PHE C 145 0.34 -4.77 -20.96
CA PHE C 145 -0.79 -5.22 -20.17
C PHE C 145 -1.14 -4.16 -19.14
N TYR C 146 -2.43 -3.91 -18.95
CA TYR C 146 -2.88 -3.09 -17.84
C TYR C 146 -4.33 -3.41 -17.53
N PRO C 147 -4.73 -3.29 -16.28
CA PRO C 147 -6.14 -3.45 -15.94
C PRO C 147 -6.82 -2.11 -15.87
N MET C 148 -8.14 -2.09 -15.98
CA MET C 148 -8.87 -0.86 -15.91
C MET C 148 -10.29 -1.14 -15.47
N SER C 149 -10.90 -0.09 -14.96
CA SER C 149 -12.29 -0.04 -14.56
C SER C 149 -12.93 1.23 -15.12
N LYS C 150 -14.27 1.25 -15.08
CA LYS C 150 -15.03 2.44 -15.46
C LYS C 150 -15.40 3.13 -14.17
N LYS C 151 -15.31 4.45 -14.17
CA LYS C 151 -15.53 5.27 -12.97
C LYS C 151 -16.99 5.33 -12.54
N ARG C 152 -17.17 5.42 -11.20
CA ARG C 152 -18.42 5.66 -10.53
C ARG C 152 -18.11 6.76 -9.52
N ASP C 153 -17.94 8.00 -9.98
CA ASP C 153 -17.39 9.03 -9.11
C ASP C 153 -18.16 10.32 -9.37
N GLY C 154 -19.12 10.63 -8.51
CA GLY C 154 -19.91 11.84 -8.71
C GLY C 154 -20.58 11.86 -10.08
N ALA C 155 -20.45 12.98 -10.81
CA ALA C 155 -21.11 13.10 -12.12
C ALA C 155 -20.41 12.32 -13.21
N ASP C 156 -19.24 11.75 -12.95
CA ASP C 156 -18.54 10.87 -13.88
C ASP C 156 -18.80 9.44 -13.47
N ASN C 157 -20.00 8.95 -13.77
CA ASN C 157 -20.44 7.64 -13.31
C ASN C 157 -20.96 6.88 -14.53
N TRP C 158 -20.11 5.99 -15.06
CA TRP C 158 -20.43 5.23 -16.25
C TRP C 158 -21.68 4.38 -16.06
N TYR C 159 -21.82 3.77 -14.88
CA TYR C 159 -22.84 2.77 -14.68
C TYR C 159 -24.22 3.39 -14.41
N MET C 160 -24.29 4.70 -14.21
CA MET C 160 -25.53 5.44 -14.14
C MET C 160 -25.93 6.05 -15.47
N LEU C 161 -25.06 6.02 -16.49
CA LEU C 161 -25.43 6.54 -17.80
C LEU C 161 -26.54 5.71 -18.43
N PRO C 162 -27.42 6.33 -19.22
CA PRO C 162 -28.36 5.55 -20.04
C PRO C 162 -27.66 4.79 -21.16
N MET C 163 -28.26 3.66 -21.53
CA MET C 163 -27.66 2.73 -22.49
C MET C 163 -27.30 3.44 -23.77
N GLU C 164 -28.17 4.35 -24.21
CA GLU C 164 -27.96 5.04 -25.47
C GLU C 164 -26.72 5.91 -25.40
N GLU C 165 -26.51 6.61 -24.29
CA GLU C 165 -25.29 7.41 -24.14
C GLU C 165 -24.04 6.53 -24.01
N ARG C 166 -24.11 5.42 -23.27
CA ARG C 166 -22.97 4.50 -23.22
C ARG C 166 -22.67 3.93 -24.58
N GLN C 167 -23.70 3.58 -25.35
CA GLN C 167 -23.48 2.99 -26.68
C GLN C 167 -22.75 3.98 -27.60
N GLN C 168 -23.14 5.26 -27.57
CA GLN C 168 -22.46 6.29 -28.32
C GLN C 168 -20.99 6.41 -27.90
N LEU C 169 -20.72 6.43 -26.60
CA LEU C 169 -19.34 6.52 -26.12
C LEU C 169 -18.50 5.35 -26.62
N ILE C 170 -19.06 4.12 -26.58
CA ILE C 170 -18.35 2.93 -27.01
C ILE C 170 -18.12 2.94 -28.51
N ARG C 171 -19.10 3.45 -29.27
CA ARG C 171 -18.95 3.55 -30.72
C ARG C 171 -17.72 4.39 -31.08
N ASP C 172 -17.62 5.58 -30.49
CA ASP C 172 -16.48 6.46 -30.72
C ASP C 172 -15.18 5.79 -30.34
N HIS C 173 -15.15 5.08 -29.21
CA HIS C 173 -13.94 4.40 -28.78
C HIS C 173 -13.54 3.33 -29.79
N GLY C 174 -14.52 2.62 -30.36
CA GLY C 174 -14.21 1.60 -31.34
C GLY C 174 -13.60 2.17 -32.61
N LEU C 175 -14.03 3.36 -33.03
CA LEU C 175 -13.46 3.96 -34.24
C LEU C 175 -11.95 4.14 -34.12
N ILE C 176 -11.49 4.57 -32.94
CA ILE C 176 -10.06 4.79 -32.75
C ILE C 176 -9.29 3.48 -32.89
N GLY C 177 -9.76 2.43 -32.22
CA GLY C 177 -9.03 1.18 -32.21
C GLY C 177 -8.99 0.52 -33.58
N ARG C 178 -10.04 0.70 -34.39
CA ARG C 178 -10.05 0.16 -35.74
C ARG C 178 -9.00 0.83 -36.62
N SER C 179 -8.65 2.08 -36.33
CA SER C 179 -7.57 2.73 -37.05
C SER C 179 -6.20 2.17 -36.69
N TYR C 180 -6.08 1.42 -35.59
CA TYR C 180 -4.85 0.74 -35.22
C TYR C 180 -4.84 -0.73 -35.61
N ALA C 181 -5.89 -1.21 -36.27
CA ALA C 181 -5.84 -2.54 -36.86
C ALA C 181 -4.59 -2.67 -37.73
N GLY C 182 -3.95 -3.81 -37.67
CA GLY C 182 -2.69 -3.95 -38.37
C GLY C 182 -1.51 -3.60 -37.48
N LYS C 183 -1.62 -2.51 -36.72
CA LYS C 183 -0.51 -2.13 -35.86
C LYS C 183 -0.59 -2.79 -34.50
N VAL C 184 -1.79 -2.84 -33.92
CA VAL C 184 -1.97 -3.26 -32.55
C VAL C 184 -3.08 -4.29 -32.52
N GLN C 185 -2.80 -5.46 -31.93
CA GLN C 185 -3.79 -6.49 -31.68
C GLN C 185 -4.13 -6.50 -30.20
N GLN C 186 -5.43 -6.57 -29.89
CA GLN C 186 -5.89 -6.45 -28.52
C GLN C 186 -6.65 -7.70 -28.08
N ILE C 187 -6.46 -8.09 -26.83
CA ILE C 187 -7.35 -9.05 -26.18
C ILE C 187 -7.90 -8.35 -24.96
N ILE C 188 -9.21 -8.29 -24.87
CA ILE C 188 -9.91 -7.68 -23.75
C ILE C 188 -10.46 -8.81 -22.86
N GLY C 189 -9.97 -8.90 -21.63
CA GLY C 189 -10.46 -9.86 -20.65
C GLY C 189 -11.37 -9.16 -19.67
N GLY C 190 -12.60 -9.66 -19.55
CA GLY C 190 -13.49 -9.14 -18.49
C GLY C 190 -13.14 -9.80 -17.17
N SER C 191 -13.17 -8.99 -16.11
CA SER C 191 -12.80 -9.49 -14.81
C SER C 191 -13.71 -9.05 -13.67
N ILE C 192 -14.90 -8.50 -13.98
CA ILE C 192 -15.89 -8.29 -12.92
C ILE C 192 -16.23 -9.64 -12.32
N GLY C 193 -16.13 -9.74 -11.00
CA GLY C 193 -16.33 -10.97 -10.31
C GLY C 193 -15.10 -11.84 -10.16
N PHE C 194 -14.03 -11.54 -10.93
CA PHE C 194 -12.82 -12.37 -10.99
C PHE C 194 -11.56 -11.72 -10.45
N ASP C 195 -11.43 -10.39 -10.53
CA ASP C 195 -10.22 -9.75 -10.00
C ASP C 195 -10.58 -8.34 -9.60
N ASP C 196 -9.57 -7.50 -9.38
CA ASP C 196 -9.78 -6.26 -8.65
C ASP C 196 -10.24 -5.11 -9.54
N TYR C 197 -10.03 -5.18 -10.84
CA TYR C 197 -10.54 -4.18 -11.78
C TYR C 197 -11.61 -4.87 -12.61
N GLU C 198 -12.19 -4.16 -13.57
CA GLU C 198 -13.29 -4.71 -14.36
C GLU C 198 -12.85 -5.33 -15.70
N TRP C 199 -11.69 -4.92 -16.25
CA TRP C 199 -11.09 -5.52 -17.44
C TRP C 199 -9.56 -5.62 -17.26
N GLY C 200 -8.98 -6.61 -17.93
CA GLY C 200 -7.55 -6.70 -18.16
C GLY C 200 -7.27 -6.52 -19.64
N VAL C 201 -6.44 -5.54 -20.03
CA VAL C 201 -6.21 -5.19 -21.44
C VAL C 201 -4.80 -5.63 -21.83
N THR C 202 -4.71 -6.54 -22.80
CA THR C 202 -3.46 -6.99 -23.37
C THR C 202 -3.36 -6.49 -24.81
N LEU C 203 -2.31 -5.77 -25.10
CA LEU C 203 -1.99 -5.30 -26.45
C LEU C 203 -0.71 -5.98 -26.96
N PHE C 204 -0.68 -6.21 -28.26
CA PHE C 204 0.45 -6.81 -28.95
C PHE C 204 0.79 -5.94 -30.16
N SER C 205 2.09 -5.72 -30.35
CA SER C 205 2.54 -4.90 -31.48
C SER C 205 4.01 -5.20 -31.72
N ASP C 206 4.44 -4.95 -32.93
CA ASP C 206 5.86 -5.01 -33.30
C ASP C 206 6.58 -3.69 -33.07
N ASP C 207 5.88 -2.62 -32.73
CA ASP C 207 6.44 -1.31 -32.41
C ASP C 207 5.82 -0.82 -31.11
N ALA C 208 6.62 -0.77 -30.03
CA ALA C 208 6.09 -0.44 -28.71
C ALA C 208 5.49 0.96 -28.67
N LEU C 209 5.97 1.85 -29.53
CA LEU C 209 5.42 3.20 -29.54
C LEU C 209 3.96 3.20 -29.97
N GLU C 210 3.50 2.13 -30.62
CA GLU C 210 2.09 2.07 -30.97
C GLU C 210 1.23 1.90 -29.73
N PHE C 211 1.77 1.27 -28.67
CA PHE C 211 1.03 1.21 -27.41
C PHE C 211 0.84 2.62 -26.85
N LYS C 212 1.93 3.39 -26.79
CA LYS C 212 1.82 4.78 -26.34
C LYS C 212 0.81 5.54 -27.20
N ARG C 213 0.89 5.36 -28.53
CA ARG C 213 0.02 6.08 -29.45
C ARG C 213 -1.44 5.74 -29.24
N ILE C 214 -1.78 4.44 -29.16
CA ILE C 214 -3.19 4.10 -29.05
C ILE C 214 -3.72 4.47 -27.69
N VAL C 215 -2.95 4.22 -26.61
CA VAL C 215 -3.49 4.50 -25.29
C VAL C 215 -3.63 5.99 -25.08
N THR C 216 -2.69 6.80 -25.61
CA THR C 216 -2.84 8.25 -25.56
C THR C 216 -4.06 8.70 -26.35
N GLU C 217 -4.23 8.20 -27.57
CA GLU C 217 -5.38 8.68 -28.37
C GLU C 217 -6.69 8.36 -27.66
N MET C 218 -6.77 7.19 -27.02
CA MET C 218 -7.98 6.79 -26.34
C MET C 218 -8.23 7.67 -25.12
N ARG C 219 -7.17 8.09 -24.43
CA ARG C 219 -7.37 8.92 -23.24
C ARG C 219 -8.03 10.26 -23.53
N PHE C 220 -7.95 10.75 -24.75
CA PHE C 220 -8.60 12.01 -25.11
C PHE C 220 -10.00 11.82 -25.68
N ASP C 221 -10.43 10.58 -25.86
CA ASP C 221 -11.82 10.25 -26.23
C ASP C 221 -12.64 10.14 -24.94
N GLU C 222 -13.87 10.68 -24.98
CA GLU C 222 -14.64 10.88 -23.76
C GLU C 222 -14.80 9.60 -22.94
N ALA C 223 -14.96 8.45 -23.60
CA ALA C 223 -15.20 7.21 -22.87
C ALA C 223 -14.06 6.90 -21.90
N SER C 224 -12.82 7.16 -22.30
CA SER C 224 -11.70 7.02 -21.37
C SER C 224 -11.39 8.29 -20.61
N ALA C 225 -11.40 9.46 -21.27
CA ALA C 225 -11.10 10.72 -20.59
C ALA C 225 -11.95 10.92 -19.34
N ARG C 226 -13.25 10.65 -19.43
CA ARG C 226 -14.11 10.86 -18.28
C ARG C 226 -14.26 9.64 -17.43
N TYR C 227 -14.21 8.43 -18.01
CA TYR C 227 -14.67 7.25 -17.28
C TYR C 227 -13.64 6.15 -17.03
N ALA C 228 -12.43 6.22 -17.56
CA ALA C 228 -11.49 5.11 -17.29
C ALA C 228 -10.71 5.33 -15.99
N GLU C 229 -10.47 4.22 -15.29
CA GLU C 229 -9.58 4.17 -14.15
C GLU C 229 -8.55 3.09 -14.46
N PHE C 230 -7.28 3.40 -14.34
CA PHE C 230 -6.26 2.47 -14.80
C PHE C 230 -5.46 1.93 -13.63
N GLY C 231 -5.00 0.70 -13.77
CA GLY C 231 -4.04 0.16 -12.85
C GLY C 231 -2.63 0.39 -13.35
N SER C 232 -1.76 -0.55 -13.01
CA SER C 232 -0.37 -0.53 -13.40
C SER C 232 -0.22 -0.99 -14.84
N PHE C 233 0.81 -0.48 -15.51
CA PHE C 233 1.13 -0.88 -16.89
C PHE C 233 2.41 -1.73 -16.91
N PHE C 234 2.44 -2.73 -17.80
CA PHE C 234 3.57 -3.65 -17.94
C PHE C 234 3.91 -3.79 -19.40
N ILE C 235 5.18 -3.60 -19.77
CA ILE C 235 5.59 -3.78 -21.17
C ILE C 235 6.75 -4.74 -21.25
N GLY C 236 6.81 -5.46 -22.37
CA GLY C 236 7.84 -6.48 -22.49
C GLY C 236 8.07 -6.92 -23.91
N ASN C 237 9.04 -7.81 -24.03
CA ASN C 237 9.56 -8.31 -25.30
C ASN C 237 9.35 -9.81 -25.41
N LEU C 238 8.98 -10.26 -26.61
CA LEU C 238 8.70 -11.67 -26.79
C LEU C 238 9.90 -12.52 -26.36
N LEU C 239 9.60 -13.62 -25.65
CA LEU C 239 10.58 -14.62 -25.22
C LEU C 239 10.24 -15.98 -25.84
N LEU C 240 10.98 -16.36 -26.88
CA LEU C 240 11.01 -17.75 -27.31
C LEU C 240 12.08 -18.50 -26.53
N SER C 241 12.51 -19.67 -27.00
CA SER C 241 13.41 -20.47 -26.17
C SER C 241 14.83 -19.90 -26.17
N GLU C 242 15.35 -19.46 -27.32
CA GLU C 242 16.70 -18.89 -27.34
C GLU C 242 16.83 -17.75 -26.35
N GLN C 243 15.81 -16.90 -26.24
CA GLN C 243 15.91 -15.79 -25.32
C GLN C 243 15.60 -16.21 -23.88
N LEU C 244 14.82 -17.27 -23.72
CA LEU C 244 14.53 -17.79 -22.39
C LEU C 244 15.80 -18.36 -21.76
N SER C 245 16.55 -19.17 -22.52
CA SER C 245 17.78 -19.74 -21.98
C SER C 245 18.83 -18.66 -21.75
N LYS C 246 18.90 -17.66 -22.62
CA LYS C 246 19.83 -16.56 -22.40
C LYS C 246 19.45 -15.81 -21.14
N LEU C 247 18.16 -15.53 -20.98
CA LEU C 247 17.67 -14.85 -19.78
C LEU C 247 18.27 -15.37 -18.49
N PHE C 248 18.35 -16.71 -18.36
CA PHE C 248 18.72 -17.32 -17.09
C PHE C 248 20.20 -17.62 -16.98
N THR C 249 20.97 -17.49 -18.06
CA THR C 249 22.40 -17.78 -18.05
C THR C 249 23.14 -16.67 -17.31
N ILE C 250 23.85 -17.00 -16.24
CA ILE C 250 24.78 -16.04 -15.69
C ILE C 250 26.18 -16.28 -16.27
N ASN D 1 -31.20 8.43 8.51
CA ASN D 1 -31.74 8.80 9.82
C ASN D 1 -32.14 7.58 10.68
N GLU D 2 -33.09 6.75 10.23
CA GLU D 2 -33.38 5.48 10.89
C GLU D 2 -32.36 4.43 10.47
N ALA D 3 -31.56 3.95 11.43
CA ALA D 3 -30.57 2.92 11.15
C ALA D 3 -31.19 1.56 10.80
N VAL D 4 -30.52 0.84 9.92
CA VAL D 4 -30.86 -0.56 9.67
C VAL D 4 -30.71 -1.37 10.96
N LYS D 5 -31.63 -2.31 11.16
CA LYS D 5 -31.48 -3.33 12.18
C LYS D 5 -31.19 -4.66 11.50
N THR D 6 -30.50 -5.55 12.20
CA THR D 6 -30.13 -6.83 11.62
C THR D 6 -30.38 -7.97 12.59
N LEU D 7 -30.59 -9.15 12.02
CA LEU D 7 -30.46 -10.43 12.71
C LEU D 7 -29.10 -11.00 12.35
N ASP D 8 -28.45 -11.63 13.30
CA ASP D 8 -27.05 -12.05 13.09
C ASP D 8 -26.87 -13.50 13.50
N GLY D 9 -26.17 -14.26 12.65
CA GLY D 9 -26.03 -15.68 12.87
C GLY D 9 -24.60 -16.09 13.14
N TRP D 10 -24.04 -16.98 12.32
CA TRP D 10 -22.72 -17.49 12.62
C TRP D 10 -21.66 -16.43 12.35
N PHE D 11 -20.67 -16.39 13.24
CA PHE D 11 -19.43 -15.63 12.99
C PHE D 11 -18.56 -16.37 12.00
N CYS D 12 -17.94 -15.62 11.09
CA CYS D 12 -17.29 -16.16 9.91
C CYS D 12 -15.83 -15.73 9.83
N LEU D 13 -14.95 -16.63 9.38
CA LEU D 13 -13.59 -16.30 8.99
C LEU D 13 -13.30 -16.78 7.57
N HIS D 14 -12.85 -15.87 6.73
CA HIS D 14 -12.27 -16.21 5.44
C HIS D 14 -10.76 -16.09 5.62
N ASP D 15 -10.07 -17.20 5.50
CA ASP D 15 -8.63 -17.29 5.81
C ASP D 15 -7.90 -17.72 4.54
N PHE D 16 -7.22 -16.75 3.91
CA PHE D 16 -6.51 -17.00 2.66
C PHE D 16 -5.06 -17.28 2.94
N ARG D 17 -4.53 -18.29 2.26
CA ARG D 17 -3.17 -18.76 2.49
C ARG D 17 -2.49 -19.00 1.15
N SER D 18 -1.19 -18.68 1.09
CA SER D 18 -0.33 -19.04 -0.02
C SER D 18 0.64 -20.13 0.43
N ILE D 19 0.83 -21.16 -0.40
CA ILE D 19 1.67 -22.28 0.00
C ILE D 19 3.13 -21.91 -0.25
N ASP D 20 3.99 -22.17 0.73
CA ASP D 20 5.43 -21.91 0.60
C ASP D 20 6.07 -23.16 -0.01
N TRP D 21 5.95 -23.26 -1.34
CA TRP D 21 6.41 -24.44 -2.07
C TRP D 21 7.89 -24.71 -1.85
N ALA D 22 8.70 -23.66 -1.84
CA ALA D 22 10.13 -23.84 -1.67
C ALA D 22 10.43 -24.59 -0.39
N ALA D 23 9.79 -24.18 0.71
CA ALA D 23 10.01 -24.84 1.99
C ALA D 23 9.43 -26.24 1.99
N TRP D 24 8.22 -26.40 1.41
CA TRP D 24 7.54 -27.68 1.44
C TRP D 24 8.32 -28.70 0.64
N ARG D 25 8.93 -28.27 -0.46
CA ARG D 25 9.75 -29.13 -1.30
C ARG D 25 10.93 -29.71 -0.53
N GLU D 26 11.42 -29.03 0.50
CA GLU D 26 12.61 -29.49 1.21
C GLU D 26 12.31 -30.58 2.23
N LEU D 27 11.06 -30.79 2.57
CA LEU D 27 10.68 -31.86 3.48
C LEU D 27 10.78 -33.20 2.80
N ASN D 28 11.25 -34.23 3.53
CA ASN D 28 11.15 -35.56 2.93
C ASN D 28 9.70 -36.04 2.95
N PRO D 29 9.36 -36.95 2.04
CA PRO D 29 7.97 -37.43 1.94
C PRO D 29 7.38 -37.97 3.24
N GLY D 30 8.18 -38.61 4.09
CA GLY D 30 7.64 -39.11 5.34
C GLY D 30 7.11 -38.00 6.22
N ASN D 31 7.84 -36.88 6.29
CA ASN D 31 7.41 -35.73 7.09
C ASN D 31 6.25 -34.97 6.44
N GLN D 32 6.21 -34.91 5.11
CA GLN D 32 5.05 -34.33 4.46
C GLN D 32 3.79 -35.11 4.82
N GLU D 33 3.90 -36.44 4.78
CA GLU D 33 2.78 -37.30 5.13
C GLU D 33 2.31 -37.04 6.54
N LEU D 34 3.23 -36.94 7.49
CA LEU D 34 2.81 -36.74 8.86
C LEU D 34 2.06 -35.44 8.98
N MET D 35 2.52 -34.41 8.25
CA MET D 35 1.86 -33.12 8.33
C MET D 35 0.47 -33.16 7.71
N LEU D 36 0.32 -33.88 6.59
CA LEU D 36 -0.99 -34.05 5.97
C LEU D 36 -1.89 -34.94 6.81
N ASN D 37 -1.34 -35.94 7.50
CA ASN D 37 -2.15 -36.73 8.44
C ASN D 37 -2.75 -35.82 9.50
N GLU D 38 -1.90 -34.98 10.11
CA GLU D 38 -2.35 -34.08 11.16
C GLU D 38 -3.40 -33.10 10.63
N LEU D 39 -3.19 -32.61 9.41
CA LEU D 39 -4.20 -31.74 8.80
C LEU D 39 -5.51 -32.49 8.61
N SER D 40 -5.46 -33.76 8.17
CA SER D 40 -6.71 -34.49 7.96
C SER D 40 -7.43 -34.69 9.29
N HIS D 41 -6.67 -34.83 10.36
CA HIS D 41 -7.29 -34.98 11.67
C HIS D 41 -7.97 -33.68 12.10
N PHE D 42 -7.32 -32.54 11.86
CA PHE D 42 -7.95 -31.25 12.13
C PHE D 42 -9.20 -31.04 11.29
N LEU D 43 -9.14 -31.38 10.00
CA LEU D 43 -10.34 -31.23 9.20
C LEU D 43 -11.46 -32.18 9.63
N SER D 44 -11.15 -33.40 10.10
CA SER D 44 -12.24 -34.27 10.52
C SER D 44 -12.88 -33.74 11.80
N ASP D 45 -12.10 -33.08 12.66
CA ASP D 45 -12.64 -32.35 13.80
C ASP D 45 -13.57 -31.21 13.35
N MET D 46 -13.19 -30.46 12.31
CA MET D 46 -14.09 -29.48 11.72
C MET D 46 -15.37 -30.13 11.27
N GLU D 47 -15.25 -31.27 10.62
CA GLU D 47 -16.43 -31.96 10.10
C GLU D 47 -17.39 -32.36 11.23
N ILE D 48 -16.84 -32.76 12.37
CA ILE D 48 -17.66 -33.15 13.52
C ILE D 48 -18.50 -31.97 13.98
N THR D 49 -17.87 -30.79 14.08
CA THR D 49 -18.59 -29.59 14.47
C THR D 49 -19.69 -29.28 13.46
N LYS D 50 -19.41 -29.47 12.18
CA LYS D 50 -20.45 -29.31 11.19
C LYS D 50 -21.59 -30.28 11.45
N ASN D 51 -21.27 -31.53 11.69
CA ASN D 51 -22.33 -32.55 11.72
C ASN D 51 -23.18 -32.53 12.99
N ILE D 52 -22.78 -31.81 14.02
CA ILE D 52 -23.65 -31.55 15.16
C ILE D 52 -24.31 -30.18 15.07
N GLY D 53 -24.18 -29.49 13.93
CA GLY D 53 -24.89 -28.24 13.82
C GLY D 53 -24.33 -27.03 14.53
N GLU D 54 -23.05 -27.01 14.87
CA GLU D 54 -22.43 -25.89 15.60
C GLU D 54 -21.48 -25.09 14.73
N GLY D 55 -21.47 -25.36 13.43
CA GLY D 55 -20.67 -24.53 12.56
C GLY D 55 -20.65 -25.16 11.18
N GLU D 56 -19.79 -24.61 10.35
CA GLU D 56 -19.63 -25.05 8.98
C GLU D 56 -18.24 -24.69 8.54
N HIS D 57 -17.81 -25.28 7.43
CA HIS D 57 -16.53 -24.86 6.85
C HIS D 57 -16.43 -25.48 5.46
N THR D 58 -15.56 -24.89 4.67
CA THR D 58 -15.26 -25.34 3.29
C THR D 58 -13.90 -24.79 2.87
N ILE D 59 -13.31 -25.44 1.88
CA ILE D 59 -12.00 -25.11 1.33
C ILE D 59 -12.11 -25.03 -0.19
N TYR D 60 -11.57 -23.95 -0.76
CA TYR D 60 -11.45 -23.76 -2.21
C TYR D 60 -10.00 -23.41 -2.57
N SER D 61 -9.54 -23.88 -3.73
CA SER D 61 -8.26 -23.41 -4.23
C SER D 61 -8.50 -22.13 -5.02
N ILE D 62 -7.64 -21.14 -4.81
CA ILE D 62 -7.83 -19.78 -5.32
C ILE D 62 -6.92 -19.55 -6.53
N LEU D 63 -7.47 -18.90 -7.52
CA LEU D 63 -6.69 -18.63 -8.72
C LEU D 63 -5.87 -17.37 -8.57
N GLY D 64 -4.71 -17.39 -9.22
CA GLY D 64 -3.83 -16.23 -9.15
C GLY D 64 -2.97 -16.22 -7.95
N GLN D 65 -2.19 -15.14 -7.84
CA GLN D 65 -1.17 -15.08 -6.83
C GLN D 65 -1.69 -14.64 -5.48
N LYS D 66 -2.95 -14.17 -5.38
CA LYS D 66 -3.42 -13.66 -4.09
C LYS D 66 -3.42 -14.74 -3.00
N ALA D 67 -3.66 -15.99 -3.36
CA ALA D 67 -3.70 -17.13 -2.44
C ALA D 67 -3.67 -18.39 -3.27
N ASP D 68 -3.28 -19.49 -2.63
CA ASP D 68 -3.49 -20.82 -3.16
C ASP D 68 -4.76 -21.45 -2.63
N LEU D 69 -5.18 -21.06 -1.42
CA LEU D 69 -6.29 -21.69 -0.72
C LEU D 69 -7.07 -20.66 0.08
N VAL D 70 -8.36 -20.90 0.21
CA VAL D 70 -9.14 -20.22 1.23
C VAL D 70 -9.80 -21.28 2.12
N PHE D 71 -9.73 -21.05 3.43
CA PHE D 71 -10.46 -21.79 4.46
C PHE D 71 -11.55 -20.86 4.98
N PHE D 72 -12.80 -21.18 4.71
CA PHE D 72 -13.97 -20.40 5.12
C PHE D 72 -14.61 -21.16 6.30
N THR D 73 -14.63 -20.56 7.47
CA THR D 73 -15.09 -21.26 8.66
C THR D 73 -16.16 -20.42 9.32
N LEU D 74 -17.22 -21.08 9.78
CA LEU D 74 -18.34 -20.45 10.47
C LEU D 74 -18.54 -21.11 11.82
N ARG D 75 -18.78 -20.30 12.86
CA ARG D 75 -18.90 -20.84 14.22
C ARG D 75 -19.87 -19.99 14.98
N ASP D 76 -20.40 -20.54 16.08
CA ASP D 76 -21.45 -19.81 16.77
C ASP D 76 -20.95 -18.84 17.83
N SER D 77 -19.62 -18.65 17.98
CA SER D 77 -19.11 -17.61 18.86
C SER D 77 -17.76 -17.12 18.33
N LEU D 78 -17.37 -15.91 18.75
CA LEU D 78 -16.02 -15.43 18.43
C LEU D 78 -14.95 -16.23 19.13
N GLU D 79 -15.22 -16.73 20.35
CA GLU D 79 -14.27 -17.60 21.04
C GLU D 79 -14.02 -18.88 20.24
N ALA D 80 -15.08 -19.56 19.79
CA ALA D 80 -14.87 -20.78 19.02
C ALA D 80 -14.11 -20.49 17.74
N LEU D 81 -14.45 -19.40 17.05
CA LEU D 81 -13.75 -19.05 15.82
C LEU D 81 -12.27 -18.82 16.10
N ASN D 82 -11.96 -18.04 17.15
CA ASN D 82 -10.56 -17.76 17.56
C ASN D 82 -9.83 -19.05 17.92
N GLU D 83 -10.53 -20.00 18.56
CA GLU D 83 -9.91 -21.28 18.91
C GLU D 83 -9.57 -22.10 17.68
N VAL D 84 -10.45 -22.11 16.67
CA VAL D 84 -10.18 -22.79 15.40
C VAL D 84 -8.98 -22.17 14.70
N GLU D 85 -8.96 -20.86 14.59
CA GLU D 85 -7.84 -20.18 13.95
C GLU D 85 -6.51 -20.51 14.64
N ASN D 86 -6.51 -20.43 15.97
CA ASN D 86 -5.28 -20.67 16.70
C ASN D 86 -4.82 -22.13 16.58
N ARG D 87 -5.75 -23.10 16.65
CA ARG D 87 -5.38 -24.51 16.44
C ARG D 87 -4.86 -24.76 15.02
N PHE D 88 -5.44 -24.08 14.04
CA PHE D 88 -4.96 -24.19 12.67
C PHE D 88 -3.53 -23.68 12.56
N ASN D 89 -3.27 -22.50 13.09
CA ASN D 89 -1.91 -21.96 12.98
C ASN D 89 -0.87 -22.83 13.66
N LYS D 90 -1.26 -23.65 14.64
CA LYS D 90 -0.34 -24.48 15.37
C LYS D 90 -0.18 -25.86 14.74
N LEU D 91 -0.90 -26.17 13.66
CA LEU D 91 -0.57 -27.35 12.87
C LEU D 91 0.82 -27.22 12.30
N ALA D 92 1.52 -28.35 12.14
CA ALA D 92 2.85 -28.31 11.55
C ALA D 92 2.79 -27.74 10.15
N ILE D 93 1.76 -28.15 9.38
CA ILE D 93 1.68 -27.77 7.98
C ILE D 93 1.40 -26.27 7.84
N ALA D 94 0.89 -25.63 8.91
CA ALA D 94 0.52 -24.24 8.78
C ALA D 94 1.74 -23.36 8.63
N ASP D 95 2.92 -23.87 9.02
CA ASP D 95 4.16 -23.13 8.77
C ASP D 95 4.35 -22.90 7.27
N TYR D 96 3.77 -23.76 6.45
CA TYR D 96 3.90 -23.74 5.01
C TYR D 96 2.74 -23.00 4.35
N LEU D 97 1.83 -22.45 5.16
CA LEU D 97 0.60 -21.82 4.67
C LEU D 97 0.71 -20.36 5.10
N LEU D 98 1.19 -19.54 4.19
CA LEU D 98 1.49 -18.15 4.54
C LEU D 98 0.22 -17.33 4.49
N PRO D 99 -0.03 -16.49 5.49
CA PRO D 99 -1.25 -15.66 5.46
C PRO D 99 -1.16 -14.57 4.43
N THR D 100 -2.14 -14.50 3.53
CA THR D 100 -2.14 -13.43 2.53
C THR D 100 -3.31 -12.46 2.64
N TYR D 101 -4.40 -12.83 3.29
CA TYR D 101 -5.56 -11.98 3.52
C TYR D 101 -6.52 -12.72 4.44
N SER D 102 -7.32 -11.97 5.19
CA SER D 102 -8.37 -12.59 6.01
C SER D 102 -9.55 -11.65 6.12
N TYR D 103 -10.70 -12.21 6.47
CA TYR D 103 -11.88 -11.38 6.68
C TYR D 103 -12.74 -11.98 7.79
N ILE D 104 -13.24 -11.11 8.68
CA ILE D 104 -14.08 -11.48 9.81
C ILE D 104 -15.46 -10.84 9.61
N SER D 105 -16.53 -11.63 9.75
CA SER D 105 -17.86 -11.08 9.53
C SER D 105 -18.85 -11.95 10.29
N VAL D 106 -20.12 -11.58 10.23
CA VAL D 106 -21.18 -12.40 10.87
C VAL D 106 -22.35 -12.45 9.90
N VAL D 107 -22.90 -13.65 9.71
CA VAL D 107 -23.99 -13.82 8.74
C VAL D 107 -25.11 -12.86 9.12
N GLU D 108 -25.56 -12.04 8.16
CA GLU D 108 -26.43 -10.92 8.45
C GLU D 108 -27.73 -11.01 7.65
N LEU D 109 -28.84 -10.72 8.32
CA LEU D 109 -30.14 -10.49 7.66
C LEU D 109 -30.68 -9.16 8.17
N SER D 110 -30.77 -8.18 7.29
CA SER D 110 -31.23 -6.85 7.67
C SER D 110 -32.76 -6.78 7.63
N ASN D 111 -33.29 -5.64 8.07
CA ASN D 111 -34.73 -5.41 8.09
C ASN D 111 -35.22 -4.50 6.96
N TYR D 112 -34.43 -4.29 5.91
CA TYR D 112 -34.92 -3.53 4.77
C TYR D 112 -36.15 -4.18 4.17
N LEU D 113 -36.13 -5.51 4.02
CA LEU D 113 -37.30 -6.30 3.63
C LEU D 113 -37.59 -7.31 4.72
N ALA D 114 -38.81 -7.87 4.70
CA ALA D 114 -39.19 -8.86 5.70
C ALA D 114 -38.64 -10.23 5.34
N SER D 115 -38.22 -10.98 6.37
CA SER D 115 -37.83 -12.37 6.20
C SER D 115 -38.84 -13.33 6.85
N HIS D 116 -39.89 -12.79 7.47
CA HIS D 116 -40.91 -13.60 8.13
C HIS D 116 -42.09 -12.69 8.51
N MET D 117 -43.27 -13.30 8.73
CA MET D 117 -44.46 -12.52 9.07
C MET D 117 -44.25 -11.76 10.38
N ALA D 118 -44.68 -10.50 10.41
CA ALA D 118 -44.70 -9.69 11.63
C ALA D 118 -45.93 -10.03 12.48
N GLY D 119 -45.96 -11.27 12.96
CA GLY D 119 -47.02 -11.77 13.81
C GLY D 119 -46.66 -11.92 15.28
N GLY D 120 -45.54 -11.35 15.71
CA GLY D 120 -45.13 -11.40 17.10
C GLY D 120 -44.17 -12.52 17.46
N ASP D 121 -43.72 -13.29 16.48
CA ASP D 121 -42.92 -14.49 16.69
C ASP D 121 -41.44 -14.16 16.84
N ASP D 122 -40.72 -15.06 17.52
CA ASP D 122 -39.28 -14.93 17.58
C ASP D 122 -38.71 -15.30 16.22
N PRO D 123 -38.09 -14.38 15.47
CA PRO D 123 -37.52 -14.77 14.18
C PRO D 123 -36.53 -15.90 14.31
N TYR D 124 -35.83 -15.97 15.44
CA TYR D 124 -34.81 -17.01 15.62
C TYR D 124 -35.41 -18.38 15.82
N GLN D 125 -36.71 -18.47 16.01
CA GLN D 125 -37.48 -19.71 16.07
C GLN D 125 -38.06 -20.12 14.72
N ASN D 126 -38.01 -19.23 13.74
CA ASN D 126 -38.49 -19.51 12.40
C ASN D 126 -37.40 -20.29 11.67
N LYS D 127 -37.71 -21.53 11.26
CA LYS D 127 -36.66 -22.37 10.67
C LYS D 127 -36.16 -21.81 9.34
N GLY D 128 -37.02 -21.14 8.58
CA GLY D 128 -36.56 -20.51 7.37
C GLY D 128 -35.51 -19.43 7.64
N VAL D 129 -35.78 -18.59 8.62
CA VAL D 129 -34.80 -17.61 9.05
C VAL D 129 -33.53 -18.31 9.53
N ARG D 130 -33.67 -19.38 10.31
CA ARG D 130 -32.50 -20.10 10.83
C ARG D 130 -31.63 -20.68 9.72
N ALA D 131 -32.27 -21.13 8.63
CA ALA D 131 -31.53 -21.66 7.50
C ALA D 131 -30.65 -20.60 6.86
N ARG D 132 -31.05 -19.33 6.96
CA ARG D 132 -30.24 -18.26 6.40
C ARG D 132 -29.15 -17.79 7.35
N LEU D 133 -29.43 -17.70 8.65
CA LEU D 133 -28.48 -17.21 9.62
C LEU D 133 -27.37 -18.22 9.90
N TYR D 134 -27.67 -19.49 9.71
CA TYR D 134 -26.76 -20.60 10.02
C TYR D 134 -26.69 -21.43 8.75
N PRO D 135 -26.09 -20.91 7.70
CA PRO D 135 -26.28 -21.50 6.37
C PRO D 135 -25.48 -22.77 6.17
N ALA D 136 -26.14 -23.79 5.63
CA ALA D 136 -25.38 -24.95 5.13
C ALA D 136 -24.62 -24.55 3.87
N LEU D 137 -23.34 -24.87 3.81
CA LEU D 137 -22.57 -24.44 2.64
C LEU D 137 -22.81 -25.40 1.48
N PRO D 138 -23.18 -24.92 0.31
CA PRO D 138 -23.40 -25.83 -0.83
C PRO D 138 -22.08 -26.25 -1.45
N PRO D 139 -21.98 -27.48 -1.93
CA PRO D 139 -20.73 -27.95 -2.51
C PRO D 139 -20.64 -27.55 -3.98
N LYS D 140 -20.81 -26.26 -4.24
CA LYS D 140 -20.72 -25.77 -5.62
C LYS D 140 -19.26 -25.75 -6.09
N LYS D 141 -19.07 -25.93 -7.39
CA LYS D 141 -17.73 -26.01 -7.99
C LYS D 141 -16.87 -24.77 -7.74
N HIS D 142 -17.47 -23.57 -7.55
CA HIS D 142 -16.71 -22.32 -7.50
C HIS D 142 -17.23 -21.42 -6.40
N ILE D 143 -16.31 -20.64 -5.89
CA ILE D 143 -16.57 -19.62 -4.88
C ILE D 143 -16.05 -18.29 -5.43
N CYS D 144 -16.67 -17.22 -4.97
CA CYS D 144 -16.23 -15.85 -5.23
C CYS D 144 -16.37 -15.07 -3.94
N PHE D 145 -15.31 -14.36 -3.49
CA PHE D 145 -15.41 -13.55 -2.28
C PHE D 145 -14.92 -12.13 -2.56
N TYR D 146 -15.61 -11.13 -1.99
CA TYR D 146 -15.10 -9.78 -1.99
C TYR D 146 -15.78 -9.01 -0.87
N PRO D 147 -15.08 -8.10 -0.21
CA PRO D 147 -15.73 -7.19 0.72
C PRO D 147 -16.19 -5.93 0.01
N MET D 148 -17.13 -5.21 0.64
CA MET D 148 -17.61 -3.97 0.06
C MET D 148 -18.20 -3.11 1.16
N SER D 149 -18.24 -1.80 0.90
CA SER D 149 -18.87 -0.83 1.77
C SER D 149 -19.81 0.05 0.93
N LYS D 150 -20.61 0.87 1.61
CA LYS D 150 -21.46 1.85 0.94
C LYS D 150 -20.86 3.25 1.09
N LYS D 151 -20.83 3.98 -0.02
CA LYS D 151 -20.12 5.26 -0.08
C LYS D 151 -20.75 6.30 0.82
N ARG D 152 -19.88 7.16 1.35
CA ARG D 152 -20.30 8.37 2.08
C ARG D 152 -19.46 9.44 1.44
N ASP D 153 -19.85 9.84 0.24
CA ASP D 153 -18.99 10.67 -0.62
C ASP D 153 -19.85 11.75 -1.27
N GLY D 154 -19.88 12.93 -0.65
CA GLY D 154 -20.58 14.04 -1.25
C GLY D 154 -22.04 13.74 -1.43
N ALA D 155 -22.53 13.91 -2.68
CA ALA D 155 -23.92 13.66 -3.01
C ALA D 155 -24.26 12.18 -3.03
N ASP D 156 -23.27 11.30 -3.04
CA ASP D 156 -23.46 9.86 -3.00
C ASP D 156 -23.16 9.35 -1.59
N ASN D 157 -24.10 9.62 -0.70
CA ASN D 157 -23.94 9.23 0.71
C ASN D 157 -25.11 8.35 1.14
N TRP D 158 -24.83 7.02 1.19
CA TRP D 158 -25.84 6.01 1.55
C TRP D 158 -26.39 6.28 2.94
N TYR D 159 -25.52 6.66 3.88
CA TYR D 159 -25.91 6.72 5.30
C TYR D 159 -26.66 7.99 5.63
N MET D 160 -26.72 8.93 4.68
CA MET D 160 -27.55 10.12 4.81
C MET D 160 -28.89 9.92 4.09
N LEU D 161 -29.13 8.76 3.54
CA LEU D 161 -30.40 8.62 2.85
C LEU D 161 -31.49 8.24 3.84
N PRO D 162 -32.71 8.72 3.60
CA PRO D 162 -33.88 8.23 4.35
C PRO D 162 -34.07 6.73 4.21
N MET D 163 -34.64 6.13 5.28
CA MET D 163 -34.92 4.69 5.30
C MET D 163 -35.69 4.26 4.07
N GLU D 164 -36.72 5.00 3.70
CA GLU D 164 -37.58 4.50 2.62
C GLU D 164 -36.86 4.52 1.27
N GLU D 165 -35.85 5.40 1.10
CA GLU D 165 -35.06 5.41 -0.14
C GLU D 165 -34.03 4.30 -0.14
N ARG D 166 -33.38 4.06 1.00
CA ARG D 166 -32.52 2.89 1.07
C ARG D 166 -33.31 1.61 0.84
N GLN D 167 -34.53 1.56 1.38
CA GLN D 167 -35.36 0.36 1.20
C GLN D 167 -35.67 0.13 -0.29
N GLN D 168 -35.97 1.22 -0.99
CA GLN D 168 -36.21 1.11 -2.44
C GLN D 168 -34.98 0.62 -3.17
N LEU D 169 -33.82 1.16 -2.81
CA LEU D 169 -32.60 0.72 -3.47
C LEU D 169 -32.28 -0.74 -3.17
N ILE D 170 -32.44 -1.17 -1.92
CA ILE D 170 -32.23 -2.58 -1.57
C ILE D 170 -33.24 -3.46 -2.27
N ARG D 171 -34.51 -3.03 -2.32
CA ARG D 171 -35.56 -3.81 -2.98
C ARG D 171 -35.19 -4.11 -4.43
N ASP D 172 -34.71 -3.09 -5.15
CA ASP D 172 -34.39 -3.28 -6.55
C ASP D 172 -33.18 -4.18 -6.72
N HIS D 173 -32.21 -4.04 -5.83
CA HIS D 173 -31.04 -4.91 -5.84
C HIS D 173 -31.46 -6.36 -5.64
N GLY D 174 -32.37 -6.60 -4.69
CA GLY D 174 -32.88 -7.95 -4.42
C GLY D 174 -33.58 -8.58 -5.61
N LEU D 175 -34.35 -7.81 -6.37
CA LEU D 175 -35.02 -8.39 -7.53
C LEU D 175 -33.97 -8.93 -8.52
N ILE D 176 -32.82 -8.25 -8.65
CA ILE D 176 -31.79 -8.78 -9.54
C ILE D 176 -31.23 -10.06 -8.98
N GLY D 177 -30.92 -10.09 -7.69
CA GLY D 177 -30.39 -11.29 -7.10
C GLY D 177 -31.36 -12.45 -7.18
N ARG D 178 -32.65 -12.17 -6.93
CA ARG D 178 -33.66 -13.19 -7.09
C ARG D 178 -33.62 -13.84 -8.47
N SER D 179 -33.32 -13.06 -9.50
CA SER D 179 -33.27 -13.65 -10.82
C SER D 179 -32.11 -14.64 -10.97
N TYR D 180 -31.19 -14.72 -10.02
CA TYR D 180 -30.10 -15.71 -10.09
C TYR D 180 -30.35 -16.91 -9.17
N ALA D 181 -31.59 -17.10 -8.72
CA ALA D 181 -31.95 -18.26 -7.92
C ALA D 181 -31.67 -19.51 -8.72
N GLY D 182 -31.03 -20.48 -8.07
CA GLY D 182 -30.63 -21.69 -8.74
C GLY D 182 -29.33 -21.58 -9.47
N LYS D 183 -28.81 -20.37 -9.68
CA LYS D 183 -27.52 -20.20 -10.34
C LYS D 183 -26.43 -19.68 -9.41
N VAL D 184 -26.76 -18.78 -8.50
CA VAL D 184 -25.78 -18.21 -7.58
C VAL D 184 -26.41 -18.20 -6.21
N GLN D 185 -25.72 -18.77 -5.24
CA GLN D 185 -26.09 -18.67 -3.85
C GLN D 185 -25.18 -17.67 -3.14
N GLN D 186 -25.76 -16.81 -2.31
CA GLN D 186 -24.99 -15.73 -1.70
C GLN D 186 -25.03 -15.91 -0.18
N ILE D 187 -23.91 -15.61 0.48
CA ILE D 187 -23.91 -15.38 1.93
C ILE D 187 -23.44 -13.95 2.15
N ILE D 188 -24.24 -13.15 2.83
CA ILE D 188 -23.83 -11.81 3.17
C ILE D 188 -23.39 -11.79 4.62
N GLY D 189 -22.10 -11.47 4.84
CA GLY D 189 -21.59 -11.27 6.18
C GLY D 189 -21.48 -9.80 6.49
N GLY D 190 -22.10 -9.39 7.57
CA GLY D 190 -21.96 -8.03 8.06
C GLY D 190 -20.65 -7.88 8.83
N SER D 191 -19.96 -6.77 8.58
CA SER D 191 -18.66 -6.60 9.23
C SER D 191 -18.43 -5.24 9.85
N ILE D 192 -19.49 -4.41 9.96
CA ILE D 192 -19.32 -3.13 10.66
C ILE D 192 -18.96 -3.41 12.09
N GLY D 193 -17.81 -2.89 12.54
CA GLY D 193 -17.27 -3.16 13.85
C GLY D 193 -16.32 -4.35 13.93
N PHE D 194 -16.22 -5.15 12.87
CA PHE D 194 -15.43 -6.38 12.91
C PHE D 194 -14.27 -6.40 11.95
N ASP D 195 -14.33 -5.64 10.85
CA ASP D 195 -13.32 -5.69 9.83
C ASP D 195 -13.39 -4.37 9.05
N ASP D 196 -12.60 -4.26 8.01
CA ASP D 196 -12.26 -2.94 7.44
C ASP D 196 -13.29 -2.44 6.46
N TYR D 197 -14.11 -3.32 5.90
CA TYR D 197 -15.26 -2.97 5.08
C TYR D 197 -16.53 -3.28 5.84
N GLU D 198 -17.68 -3.09 5.20
CA GLU D 198 -18.95 -3.17 5.90
C GLU D 198 -19.67 -4.51 5.73
N TRP D 199 -19.38 -5.22 4.63
CA TRP D 199 -19.86 -6.57 4.41
C TRP D 199 -18.76 -7.36 3.71
N GLY D 200 -18.74 -8.65 3.99
CA GLY D 200 -18.08 -9.61 3.16
C GLY D 200 -19.14 -10.39 2.41
N VAL D 201 -18.95 -10.51 1.10
CA VAL D 201 -19.88 -11.16 0.19
C VAL D 201 -19.23 -12.43 -0.34
N THR D 202 -19.90 -13.56 -0.13
CA THR D 202 -19.49 -14.86 -0.66
C THR D 202 -20.55 -15.38 -1.60
N LEU D 203 -20.13 -15.77 -2.79
CA LEU D 203 -21.00 -16.30 -3.82
C LEU D 203 -20.54 -17.72 -4.14
N PHE D 204 -21.51 -18.60 -4.37
CA PHE D 204 -21.25 -19.98 -4.78
C PHE D 204 -21.98 -20.25 -6.08
N SER D 205 -21.34 -20.99 -6.99
CA SER D 205 -21.99 -21.31 -8.24
C SER D 205 -21.24 -22.46 -8.88
N ASP D 206 -21.97 -23.26 -9.67
CA ASP D 206 -21.28 -24.26 -10.48
C ASP D 206 -20.76 -23.70 -11.79
N ASP D 207 -21.03 -22.43 -12.10
CA ASP D 207 -20.54 -21.80 -13.33
C ASP D 207 -19.93 -20.47 -12.97
N ALA D 208 -18.61 -20.36 -13.12
CA ALA D 208 -17.94 -19.16 -12.65
C ALA D 208 -18.41 -17.92 -13.36
N LEU D 209 -18.83 -18.05 -14.61
CA LEU D 209 -19.34 -16.91 -15.36
C LEU D 209 -20.63 -16.35 -14.77
N GLU D 210 -21.35 -17.11 -13.95
CA GLU D 210 -22.51 -16.49 -13.29
C GLU D 210 -22.09 -15.44 -12.28
N PHE D 211 -20.90 -15.57 -11.71
CA PHE D 211 -20.38 -14.51 -10.85
C PHE D 211 -20.24 -13.22 -11.62
N LYS D 212 -19.60 -13.32 -12.78
CA LYS D 212 -19.42 -12.14 -13.63
C LYS D 212 -20.76 -11.57 -14.05
N ARG D 213 -21.73 -12.46 -14.40
CA ARG D 213 -23.04 -11.99 -14.83
C ARG D 213 -23.77 -11.24 -13.72
N ILE D 214 -23.85 -11.80 -12.51
CA ILE D 214 -24.64 -11.14 -11.47
C ILE D 214 -23.95 -9.86 -10.98
N VAL D 215 -22.63 -9.91 -10.77
CA VAL D 215 -21.96 -8.71 -10.28
C VAL D 215 -22.02 -7.60 -11.34
N THR D 216 -21.91 -7.95 -12.61
CA THR D 216 -22.05 -6.92 -13.65
C THR D 216 -23.46 -6.34 -13.66
N GLU D 217 -24.50 -7.21 -13.57
CA GLU D 217 -25.86 -6.67 -13.62
C GLU D 217 -26.14 -5.81 -12.41
N MET D 218 -25.69 -6.21 -11.22
CA MET D 218 -25.91 -5.35 -10.07
C MET D 218 -25.16 -4.03 -10.20
N ARG D 219 -24.06 -4.01 -10.95
CA ARG D 219 -23.29 -2.77 -11.01
C ARG D 219 -24.00 -1.70 -11.83
N PHE D 220 -24.95 -2.10 -12.67
CA PHE D 220 -25.81 -1.15 -13.37
C PHE D 220 -27.06 -0.81 -12.58
N ASP D 221 -27.28 -1.43 -11.41
CA ASP D 221 -28.39 -1.05 -10.54
C ASP D 221 -27.96 0.03 -9.53
N GLU D 222 -28.84 1.02 -9.30
CA GLU D 222 -28.39 2.21 -8.58
C GLU D 222 -27.73 1.88 -7.25
N ALA D 223 -28.21 0.87 -6.54
CA ALA D 223 -27.67 0.61 -5.20
C ALA D 223 -26.17 0.39 -5.26
N SER D 224 -25.67 -0.29 -6.30
CA SER D 224 -24.25 -0.49 -6.43
C SER D 224 -23.60 0.58 -7.31
N ALA D 225 -24.26 0.94 -8.41
CA ALA D 225 -23.68 1.88 -9.36
C ALA D 225 -23.28 3.14 -8.65
N ARG D 226 -24.13 3.61 -7.77
CA ARG D 226 -23.92 4.87 -7.09
C ARG D 226 -23.27 4.76 -5.72
N TYR D 227 -23.40 3.63 -5.04
CA TYR D 227 -23.04 3.59 -3.63
C TYR D 227 -22.08 2.49 -3.24
N ALA D 228 -21.73 1.56 -4.12
CA ALA D 228 -20.85 0.48 -3.70
C ALA D 228 -19.38 0.89 -3.80
N GLU D 229 -18.60 0.54 -2.77
CA GLU D 229 -17.15 0.58 -2.85
C GLU D 229 -16.63 -0.83 -2.61
N PHE D 230 -15.89 -1.39 -3.60
CA PHE D 230 -15.46 -2.79 -3.54
C PHE D 230 -14.00 -2.94 -3.10
N GLY D 231 -13.72 -4.04 -2.38
CA GLY D 231 -12.37 -4.48 -2.13
C GLY D 231 -11.86 -5.38 -3.23
N SER D 232 -10.95 -6.29 -2.86
CA SER D 232 -10.41 -7.23 -3.81
C SER D 232 -11.35 -8.40 -3.98
N PHE D 233 -11.26 -9.04 -5.15
CA PHE D 233 -12.09 -10.19 -5.50
C PHE D 233 -11.20 -11.42 -5.58
N PHE D 234 -11.72 -12.52 -5.06
CA PHE D 234 -11.06 -13.83 -4.99
C PHE D 234 -11.98 -14.86 -5.61
N ILE D 235 -11.46 -15.68 -6.48
CA ILE D 235 -12.27 -16.72 -7.05
C ILE D 235 -11.54 -18.05 -6.94
N GLY D 236 -12.31 -19.14 -6.80
CA GLY D 236 -11.66 -20.42 -6.65
C GLY D 236 -12.55 -21.60 -6.96
N ASN D 237 -11.94 -22.78 -6.81
CA ASN D 237 -12.51 -24.06 -7.15
C ASN D 237 -12.59 -24.94 -5.91
N LEU D 238 -13.65 -25.75 -5.81
CA LEU D 238 -13.87 -26.56 -4.63
C LEU D 238 -12.76 -27.57 -4.44
N LEU D 239 -12.30 -27.68 -3.21
CA LEU D 239 -11.26 -28.63 -2.82
C LEU D 239 -11.82 -29.63 -1.80
N LEU D 240 -11.93 -30.86 -2.22
CA LEU D 240 -12.24 -31.94 -1.30
C LEU D 240 -10.94 -32.68 -0.96
N SER D 241 -11.03 -33.76 -0.17
CA SER D 241 -9.81 -34.38 0.35
C SER D 241 -8.90 -34.83 -0.79
N GLU D 242 -9.47 -35.41 -1.83
CA GLU D 242 -8.69 -35.87 -2.98
C GLU D 242 -7.94 -34.70 -3.64
N GLN D 243 -8.62 -33.59 -3.90
CA GLN D 243 -7.94 -32.50 -4.58
C GLN D 243 -6.88 -31.89 -3.67
N LEU D 244 -7.10 -31.97 -2.35
CA LEU D 244 -6.13 -31.48 -1.38
C LEU D 244 -4.83 -32.29 -1.41
N SER D 245 -4.93 -33.62 -1.47
CA SER D 245 -3.73 -34.44 -1.54
C SER D 245 -2.95 -34.18 -2.83
N LYS D 246 -3.66 -34.00 -3.95
CA LYS D 246 -3.02 -33.66 -5.21
C LYS D 246 -2.32 -32.30 -5.13
N LEU D 247 -2.99 -31.32 -4.51
CA LEU D 247 -2.43 -30.00 -4.43
C LEU D 247 -1.03 -30.04 -3.83
N PHE D 248 -0.83 -30.82 -2.77
CA PHE D 248 0.43 -30.82 -2.04
C PHE D 248 1.42 -31.84 -2.54
N THR D 249 1.07 -32.64 -3.54
CA THR D 249 2.02 -33.60 -4.04
C THR D 249 2.97 -32.90 -5.01
N ILE D 250 4.27 -33.06 -4.80
CA ILE D 250 5.26 -32.54 -5.73
C ILE D 250 5.78 -33.66 -6.62
N LYS E 5 -10.95 22.24 22.74
CA LYS E 5 -10.30 22.13 24.04
C LYS E 5 -10.66 20.80 24.70
N THR E 6 -9.69 20.18 25.36
CA THR E 6 -9.90 18.86 25.95
C THR E 6 -9.16 18.76 27.28
N LEU E 7 -9.61 17.81 28.10
CA LEU E 7 -8.83 17.28 29.22
C LEU E 7 -8.19 15.98 28.78
N ASP E 8 -6.97 15.74 29.25
CA ASP E 8 -6.16 14.63 28.76
C ASP E 8 -5.63 13.84 29.97
N GLY E 9 -5.73 12.52 29.90
CA GLY E 9 -5.36 11.63 30.99
C GLY E 9 -4.17 10.77 30.60
N TRP E 10 -4.30 9.45 30.77
CA TRP E 10 -3.23 8.52 30.44
C TRP E 10 -2.89 8.47 28.94
N PHE E 11 -1.59 8.37 28.65
CA PHE E 11 -1.11 8.03 27.34
C PHE E 11 -1.28 6.55 27.11
N CYS E 12 -1.63 6.17 25.87
CA CYS E 12 -2.06 4.83 25.46
C CYS E 12 -1.26 4.31 24.27
N LEU E 13 -0.89 3.05 24.38
CA LEU E 13 -0.33 2.27 23.29
C LEU E 13 -1.21 1.07 23.06
N HIS E 14 -1.65 0.91 21.81
CA HIS E 14 -2.21 -0.33 21.32
C HIS E 14 -1.13 -0.97 20.48
N ASP E 15 -0.67 -2.14 20.92
CA ASP E 15 0.44 -2.85 20.31
C ASP E 15 -0.04 -4.19 19.80
N PHE E 16 -0.13 -4.35 18.49
CA PHE E 16 -0.64 -5.55 17.86
C PHE E 16 0.52 -6.40 17.38
N ARG E 17 0.44 -7.71 17.68
CA ARG E 17 1.49 -8.66 17.35
C ARG E 17 0.92 -9.89 16.71
N SER E 18 1.68 -10.47 15.77
CA SER E 18 1.42 -11.80 15.27
C SER E 18 2.51 -12.72 15.75
N ILE E 19 2.14 -13.95 16.12
CA ILE E 19 3.06 -14.89 16.70
C ILE E 19 3.74 -15.62 15.57
N ASP E 20 5.06 -15.76 15.65
CA ASP E 20 5.83 -16.48 14.63
C ASP E 20 5.81 -17.96 15.01
N TRP E 21 4.71 -18.65 14.66
CA TRP E 21 4.53 -20.04 15.08
C TRP E 21 5.66 -20.94 14.57
N ALA E 22 6.10 -20.74 13.33
CA ALA E 22 7.15 -21.59 12.78
C ALA E 22 8.43 -21.50 13.60
N ALA E 23 8.82 -20.29 14.00
CA ALA E 23 10.03 -20.13 14.79
C ALA E 23 9.82 -20.60 16.24
N TRP E 24 8.66 -20.27 16.82
CA TRP E 24 8.34 -20.72 18.19
C TRP E 24 8.41 -22.24 18.27
N ARG E 25 7.91 -22.90 17.24
CA ARG E 25 7.87 -24.36 17.18
C ARG E 25 9.27 -24.97 17.18
N GLU E 26 10.27 -24.22 16.71
CA GLU E 26 11.64 -24.74 16.69
C GLU E 26 12.29 -24.77 18.07
N LEU E 27 11.75 -24.03 19.03
CA LEU E 27 12.30 -24.01 20.38
C LEU E 27 11.94 -25.27 21.15
N ASN E 28 12.90 -25.80 21.92
CA ASN E 28 12.54 -26.91 22.77
C ASN E 28 11.68 -26.40 23.93
N PRO E 29 10.90 -27.27 24.57
CA PRO E 29 9.90 -26.79 25.54
C PRO E 29 10.48 -26.12 26.77
N GLY E 30 11.70 -26.49 27.18
CA GLY E 30 12.33 -25.83 28.29
C GLY E 30 12.63 -24.36 28.03
N ASN E 31 13.15 -24.06 26.85
CA ASN E 31 13.40 -22.67 26.45
C ASN E 31 12.11 -21.92 26.29
N GLN E 32 11.09 -22.54 25.68
CA GLN E 32 9.77 -21.93 25.62
C GLN E 32 9.27 -21.58 27.00
N GLU E 33 9.49 -22.47 27.98
CA GLU E 33 9.06 -22.19 29.35
C GLU E 33 9.85 -21.04 29.97
N LEU E 34 11.15 -20.96 29.72
CA LEU E 34 11.96 -19.86 30.23
C LEU E 34 11.50 -18.52 29.66
N MET E 35 11.23 -18.46 28.35
CA MET E 35 10.72 -17.22 27.77
C MET E 35 9.35 -16.82 28.31
N LEU E 36 8.47 -17.79 28.57
CA LEU E 36 7.15 -17.46 29.12
C LEU E 36 7.27 -17.00 30.57
N ASN E 37 8.20 -17.60 31.34
CA ASN E 37 8.46 -17.15 32.69
C ASN E 37 8.94 -15.72 32.72
N GLU E 38 9.82 -15.36 31.79
CA GLU E 38 10.25 -13.97 31.73
C GLU E 38 9.09 -13.04 31.41
N LEU E 39 8.22 -13.43 30.47
CA LEU E 39 7.03 -12.63 30.22
C LEU E 39 6.15 -12.57 31.46
N SER E 40 6.09 -13.65 32.24
CA SER E 40 5.26 -13.61 33.44
C SER E 40 5.78 -12.57 34.41
N HIS E 41 7.10 -12.52 34.62
CA HIS E 41 7.64 -11.50 35.51
C HIS E 41 7.39 -10.09 34.96
N PHE E 42 7.51 -9.90 33.66
CA PHE E 42 7.17 -8.58 33.08
C PHE E 42 5.72 -8.21 33.34
N LEU E 43 4.78 -9.12 33.10
CA LEU E 43 3.37 -8.78 33.37
C LEU E 43 3.08 -8.57 34.85
N SER E 44 3.77 -9.29 35.73
CA SER E 44 3.54 -9.02 37.15
C SER E 44 4.07 -7.64 37.56
N ASP E 45 5.17 -7.18 36.96
CA ASP E 45 5.59 -5.79 37.14
C ASP E 45 4.54 -4.83 36.57
N MET E 46 3.94 -5.15 35.45
CA MET E 46 2.89 -4.28 34.93
C MET E 46 1.69 -4.26 35.89
N GLU E 47 1.46 -5.36 36.57
CA GLU E 47 0.35 -5.40 37.52
C GLU E 47 0.64 -4.54 38.74
N ILE E 48 1.90 -4.42 39.17
CA ILE E 48 2.24 -3.50 40.26
C ILE E 48 1.89 -2.06 39.88
N THR E 49 2.32 -1.64 38.67
CA THR E 49 2.01 -0.29 38.22
C THR E 49 0.51 -0.05 38.17
N LYS E 50 -0.26 -1.04 37.69
CA LYS E 50 -1.72 -0.96 37.74
C LYS E 50 -2.22 -0.84 39.17
N ASN E 51 -1.68 -1.67 40.07
CA ASN E 51 -2.22 -1.70 41.43
C ASN E 51 -1.93 -0.41 42.16
N ILE E 52 -0.84 0.27 41.81
CA ILE E 52 -0.51 1.50 42.50
C ILE E 52 -1.20 2.72 41.88
N GLY E 53 -1.94 2.55 40.78
CA GLY E 53 -2.68 3.66 40.18
C GLY E 53 -1.91 4.48 39.19
N GLU E 54 -0.80 3.94 38.66
CA GLU E 54 0.05 4.68 37.76
C GLU E 54 -0.13 4.26 36.31
N GLY E 55 -1.12 3.40 36.05
CA GLY E 55 -1.40 2.99 34.70
C GLY E 55 -2.32 1.78 34.71
N GLU E 56 -2.48 1.21 33.52
CA GLU E 56 -3.39 0.08 33.29
C GLU E 56 -2.85 -0.71 32.12
N HIS E 57 -3.34 -1.94 31.94
CA HIS E 57 -3.01 -2.72 30.76
C HIS E 57 -3.95 -3.89 30.62
N THR E 58 -4.14 -4.35 29.40
CA THR E 58 -4.91 -5.56 29.20
C THR E 58 -4.39 -6.19 27.91
N ILE E 59 -4.77 -7.46 27.73
CA ILE E 59 -4.37 -8.25 26.60
C ILE E 59 -5.61 -8.96 26.05
N TYR E 60 -5.75 -8.96 24.72
CA TYR E 60 -6.87 -9.65 24.07
C TYR E 60 -6.27 -10.41 22.92
N SER E 61 -6.86 -11.58 22.60
CA SER E 61 -6.50 -12.28 21.38
C SER E 61 -7.34 -11.72 20.24
N ILE E 62 -6.72 -11.55 19.06
CA ILE E 62 -7.31 -10.82 17.95
C ILE E 62 -7.67 -11.82 16.86
N LEU E 63 -8.88 -11.68 16.33
CA LEU E 63 -9.33 -12.57 15.27
C LEU E 63 -8.80 -12.15 13.91
N GLY E 64 -8.54 -13.15 13.05
CA GLY E 64 -8.02 -12.92 11.73
C GLY E 64 -6.51 -12.80 11.72
N GLN E 65 -6.00 -12.53 10.53
CA GLN E 65 -4.58 -12.45 10.28
C GLN E 65 -3.93 -11.13 10.69
N LYS E 66 -4.69 -10.06 10.99
CA LYS E 66 -4.05 -8.78 11.31
C LYS E 66 -3.13 -8.89 12.51
N ALA E 67 -3.52 -9.72 13.51
CA ALA E 67 -2.75 -9.91 14.73
C ALA E 67 -3.20 -11.19 15.41
N ASP E 68 -2.36 -11.71 16.32
CA ASP E 68 -2.79 -12.74 17.25
C ASP E 68 -3.16 -12.14 18.58
N LEU E 69 -2.52 -11.03 18.94
CA LEU E 69 -2.68 -10.42 20.26
C LEU E 69 -2.64 -8.92 20.15
N VAL E 70 -3.33 -8.23 21.07
CA VAL E 70 -3.10 -6.82 21.33
C VAL E 70 -2.75 -6.62 22.77
N PHE E 71 -1.66 -5.88 23.00
CA PHE E 71 -1.29 -5.36 24.30
C PHE E 71 -1.70 -3.91 24.34
N PHE E 72 -2.63 -3.60 25.21
CA PHE E 72 -3.18 -2.27 25.36
C PHE E 72 -2.69 -1.78 26.70
N THR E 73 -1.83 -0.75 26.67
CA THR E 73 -1.14 -0.25 27.87
C THR E 73 -1.36 1.25 28.02
N LEU E 74 -1.56 1.69 29.27
CA LEU E 74 -1.81 3.09 29.58
C LEU E 74 -0.86 3.52 30.69
N ARG E 75 -0.27 4.71 30.53
CA ARG E 75 0.74 5.22 31.47
C ARG E 75 0.57 6.71 31.63
N ASP E 76 1.15 7.26 32.69
CA ASP E 76 0.90 8.67 32.96
C ASP E 76 1.89 9.59 32.28
N SER E 77 2.84 9.07 31.49
CA SER E 77 3.80 9.88 30.76
C SER E 77 4.21 9.14 29.47
N LEU E 78 4.58 9.90 28.43
CA LEU E 78 5.16 9.25 27.25
C LEU E 78 6.45 8.51 27.57
N GLU E 79 7.19 8.97 28.56
CA GLU E 79 8.43 8.31 28.91
C GLU E 79 8.17 6.92 29.49
N ALA E 80 7.23 6.84 30.45
CA ALA E 80 6.88 5.55 31.02
C ALA E 80 6.36 4.60 29.95
N LEU E 81 5.52 5.12 29.02
CA LEU E 81 4.98 4.27 27.96
C LEU E 81 6.11 3.74 27.08
N ASN E 82 7.07 4.62 26.73
CA ASN E 82 8.23 4.27 25.89
C ASN E 82 9.08 3.19 26.58
N GLU E 83 9.17 3.28 27.88
CA GLU E 83 9.98 2.37 28.68
C GLU E 83 9.32 0.99 28.77
N VAL E 84 7.99 0.95 28.90
CA VAL E 84 7.25 -0.31 28.77
C VAL E 84 7.54 -0.95 27.42
N GLU E 85 7.39 -0.19 26.35
CA GLU E 85 7.51 -0.73 25.00
C GLU E 85 8.90 -1.31 24.77
N ASN E 86 9.94 -0.56 25.16
CA ASN E 86 11.32 -1.00 24.94
C ASN E 86 11.65 -2.22 25.77
N ARG E 87 11.24 -2.25 27.04
CA ARG E 87 11.45 -3.46 27.85
C ARG E 87 10.71 -4.67 27.26
N PHE E 88 9.48 -4.46 26.79
CA PHE E 88 8.74 -5.54 26.15
C PHE E 88 9.48 -6.07 24.94
N ASN E 89 9.96 -5.16 24.07
CA ASN E 89 10.68 -5.56 22.87
C ASN E 89 11.94 -6.34 23.19
N LYS E 90 12.53 -6.11 24.37
CA LYS E 90 13.77 -6.78 24.71
C LYS E 90 13.57 -8.10 25.46
N LEU E 91 12.33 -8.46 25.79
CA LEU E 91 12.01 -9.82 26.24
C LEU E 91 12.42 -10.81 25.16
N ALA E 92 13.00 -11.93 25.58
CA ALA E 92 13.30 -13.02 24.64
C ALA E 92 12.07 -13.41 23.82
N ILE E 93 10.90 -13.51 24.45
CA ILE E 93 9.77 -13.99 23.70
C ILE E 93 9.34 -12.98 22.65
N ALA E 94 9.78 -11.71 22.75
CA ALA E 94 9.30 -10.72 21.80
C ALA E 94 9.85 -10.95 20.40
N ASP E 95 10.96 -11.65 20.29
CA ASP E 95 11.45 -12.06 18.98
C ASP E 95 10.42 -12.87 18.21
N TYR E 96 9.48 -13.48 18.89
CA TYR E 96 8.45 -14.31 18.27
C TYR E 96 7.12 -13.55 18.12
N LEU E 97 7.06 -12.30 18.59
CA LEU E 97 5.88 -11.43 18.50
C LEU E 97 6.14 -10.35 17.46
N LEU E 98 5.71 -10.59 16.26
CA LEU E 98 6.01 -9.68 15.17
C LEU E 98 5.04 -8.50 15.18
N PRO E 99 5.55 -7.27 15.03
CA PRO E 99 4.72 -6.06 15.10
C PRO E 99 3.93 -5.91 13.80
N THR E 100 2.61 -5.86 13.90
CA THR E 100 1.76 -5.73 12.72
C THR E 100 0.95 -4.44 12.68
N TYR E 101 0.82 -3.72 13.79
CA TYR E 101 0.12 -2.43 13.84
C TYR E 101 0.31 -1.88 15.24
N SER E 102 0.26 -0.56 15.36
CA SER E 102 0.26 0.06 16.67
C SER E 102 -0.46 1.39 16.56
N TYR E 103 -0.83 1.92 17.71
CA TYR E 103 -1.53 3.20 17.79
C TYR E 103 -1.22 3.87 19.12
N ILE E 104 -0.96 5.20 19.05
CA ILE E 104 -0.62 6.04 20.20
C ILE E 104 -1.65 7.12 20.34
N SER E 105 -2.14 7.32 21.57
CA SER E 105 -3.20 8.26 21.80
C SER E 105 -3.16 8.66 23.26
N VAL E 106 -4.04 9.59 23.62
CA VAL E 106 -4.11 10.03 25.00
C VAL E 106 -5.58 10.08 25.36
N VAL E 107 -5.95 9.55 26.54
CA VAL E 107 -7.36 9.55 26.92
C VAL E 107 -7.88 10.98 26.96
N GLU E 108 -9.04 11.20 26.32
CA GLU E 108 -9.53 12.53 25.98
C GLU E 108 -10.94 12.75 26.50
N LEU E 109 -11.17 13.95 27.02
CA LEU E 109 -12.46 14.45 27.48
C LEU E 109 -12.63 15.86 26.94
N SER E 110 -13.53 16.01 25.98
CA SER E 110 -13.79 17.29 25.33
C SER E 110 -14.84 18.06 26.12
N ASN E 111 -14.91 19.35 25.82
CA ASN E 111 -15.88 20.27 26.42
C ASN E 111 -17.03 20.60 25.48
N TYR E 112 -17.30 19.73 24.51
CA TYR E 112 -18.42 19.94 23.59
C TYR E 112 -19.75 19.93 24.35
N TYR E 124 -10.33 18.20 37.14
CA TYR E 124 -9.22 17.26 37.35
C TYR E 124 -9.24 16.74 38.78
N GLN E 125 -9.88 17.50 39.67
CA GLN E 125 -10.07 17.09 41.06
C GLN E 125 -11.36 16.29 41.24
N ASN E 126 -12.23 16.30 40.24
CA ASN E 126 -13.50 15.59 40.32
C ASN E 126 -13.26 14.09 40.22
N LYS E 127 -14.01 13.31 41.00
CA LYS E 127 -13.83 11.87 41.03
C LYS E 127 -14.39 11.20 39.77
N GLY E 128 -15.51 11.71 39.25
CA GLY E 128 -16.04 11.17 37.99
C GLY E 128 -15.14 11.52 36.80
N VAL E 129 -14.61 12.73 36.78
CA VAL E 129 -13.69 13.10 35.72
C VAL E 129 -12.47 12.18 35.73
N ARG E 130 -11.90 11.95 36.92
CA ARG E 130 -10.69 11.14 37.05
C ARG E 130 -10.92 9.69 36.66
N ALA E 131 -12.11 9.16 36.94
CA ALA E 131 -12.45 7.80 36.52
C ALA E 131 -12.46 7.67 35.01
N ARG E 132 -12.74 8.76 34.29
CA ARG E 132 -12.75 8.77 32.84
C ARG E 132 -11.37 9.03 32.23
N LEU E 133 -10.58 9.96 32.82
CA LEU E 133 -9.25 10.27 32.30
C LEU E 133 -8.25 9.14 32.56
N TYR E 134 -8.39 8.46 33.69
CA TYR E 134 -7.49 7.42 34.15
C TYR E 134 -8.29 6.13 34.30
N PRO E 135 -8.77 5.58 33.19
CA PRO E 135 -9.87 4.61 33.24
C PRO E 135 -9.39 3.22 33.68
N ALA E 136 -10.16 2.63 34.61
CA ALA E 136 -10.04 1.21 34.90
C ALA E 136 -10.54 0.41 33.71
N LEU E 137 -9.74 -0.51 33.24
CA LEU E 137 -10.18 -1.33 32.11
C LEU E 137 -11.14 -2.43 32.59
N PRO E 138 -12.32 -2.54 32.03
CA PRO E 138 -13.26 -3.58 32.47
C PRO E 138 -12.87 -4.92 31.90
N PRO E 139 -12.98 -5.96 32.68
CA PRO E 139 -12.67 -7.30 32.18
C PRO E 139 -13.79 -7.86 31.31
N LYS E 140 -14.10 -7.17 30.21
CA LYS E 140 -15.12 -7.62 29.29
C LYS E 140 -14.57 -8.69 28.36
N LYS E 141 -15.49 -9.58 27.92
CA LYS E 141 -15.08 -10.70 27.08
C LYS E 141 -14.46 -10.23 25.77
N HIS E 142 -14.83 -9.06 25.26
CA HIS E 142 -14.46 -8.67 23.90
C HIS E 142 -13.97 -7.25 23.85
N ILE E 143 -13.07 -7.03 22.89
CA ILE E 143 -12.57 -5.69 22.60
C ILE E 143 -12.78 -5.39 21.12
N CYS E 144 -12.99 -4.11 20.84
CA CYS E 144 -13.00 -3.59 19.47
C CYS E 144 -12.12 -2.35 19.42
N PHE E 145 -11.16 -2.32 18.50
CA PHE E 145 -10.35 -1.10 18.30
C PHE E 145 -10.45 -0.60 16.87
N TYR E 146 -10.62 0.71 16.71
CA TYR E 146 -10.41 1.29 15.40
C TYR E 146 -10.02 2.77 15.55
N PRO E 147 -9.17 3.27 14.67
CA PRO E 147 -8.93 4.71 14.62
C PRO E 147 -9.89 5.40 13.65
N MET E 148 -10.03 6.73 13.83
CA MET E 148 -10.88 7.50 12.94
C MET E 148 -10.47 8.97 12.98
N SER E 149 -10.85 9.68 11.92
CA SER E 149 -10.67 11.10 11.76
C SER E 149 -11.96 11.74 11.26
N LYS E 150 -12.05 13.05 11.38
CA LYS E 150 -13.21 13.76 10.86
C LYS E 150 -12.83 14.33 9.49
N LYS E 151 -13.76 14.27 8.56
CA LYS E 151 -13.45 14.56 7.18
C LYS E 151 -13.26 16.05 6.97
N ARG E 152 -12.41 16.38 5.99
CA ARG E 152 -12.21 17.76 5.52
C ARG E 152 -12.26 17.71 3.98
N ASP E 153 -13.45 17.51 3.40
CA ASP E 153 -13.58 17.09 2.00
C ASP E 153 -14.75 17.84 1.36
N GLY E 154 -14.47 18.94 0.69
CA GLY E 154 -15.50 19.73 0.04
C GLY E 154 -16.52 20.21 1.04
N ALA E 155 -17.81 20.01 0.71
CA ALA E 155 -18.91 20.43 1.58
C ALA E 155 -19.00 19.61 2.86
N ASP E 156 -18.27 18.51 2.95
CA ASP E 156 -18.27 17.69 4.15
C ASP E 156 -16.97 18.00 4.90
N ASN E 157 -16.94 19.16 5.57
CA ASN E 157 -15.72 19.61 6.27
C ASN E 157 -16.04 19.94 7.73
N TRP E 158 -15.76 18.97 8.61
CA TRP E 158 -16.01 19.14 10.04
C TRP E 158 -15.34 20.38 10.62
N TYR E 159 -14.10 20.65 10.20
CA TYR E 159 -13.31 21.67 10.87
C TYR E 159 -13.66 23.08 10.41
N MET E 160 -14.48 23.20 9.37
CA MET E 160 -15.01 24.49 8.92
C MET E 160 -16.40 24.74 9.45
N LEU E 161 -16.97 23.81 10.19
CA LEU E 161 -18.30 24.01 10.74
C LEU E 161 -18.25 25.03 11.89
N PRO E 162 -19.26 25.89 11.99
CA PRO E 162 -19.41 26.70 13.20
C PRO E 162 -19.44 25.85 14.46
N MET E 163 -18.93 26.42 15.55
CA MET E 163 -18.89 25.72 16.83
C MET E 163 -20.27 25.19 17.22
N GLU E 164 -21.32 25.96 16.94
CA GLU E 164 -22.65 25.59 17.42
C GLU E 164 -23.17 24.38 16.68
N GLU E 165 -22.90 24.31 15.37
CA GLU E 165 -23.33 23.16 14.58
C GLU E 165 -22.60 21.90 15.03
N ARG E 166 -21.28 22.01 15.27
CA ARG E 166 -20.52 20.88 15.82
C ARG E 166 -21.05 20.44 17.18
N GLN E 167 -21.35 21.40 18.05
CA GLN E 167 -21.89 21.05 19.35
C GLN E 167 -23.17 20.25 19.20
N GLN E 168 -24.04 20.67 18.30
CA GLN E 168 -25.29 19.93 18.10
C GLN E 168 -25.02 18.54 17.56
N LEU E 169 -24.09 18.38 16.60
CA LEU E 169 -23.81 17.06 16.03
C LEU E 169 -23.26 16.10 17.08
N ILE E 170 -22.37 16.59 17.95
CA ILE E 170 -21.80 15.78 19.02
C ILE E 170 -22.87 15.39 20.02
N ARG E 171 -23.76 16.33 20.34
CA ARG E 171 -24.89 16.08 21.24
C ARG E 171 -25.69 14.85 20.78
N ASP E 172 -26.08 14.84 19.51
CA ASP E 172 -26.89 13.74 18.98
C ASP E 172 -26.12 12.44 18.97
N HIS E 173 -24.82 12.52 18.71
CA HIS E 173 -23.95 11.35 18.78
C HIS E 173 -23.89 10.79 20.21
N GLY E 174 -23.75 11.67 21.20
CA GLY E 174 -23.71 11.23 22.58
C GLY E 174 -25.01 10.60 23.02
N LEU E 175 -26.14 11.09 22.51
CA LEU E 175 -27.41 10.47 22.83
C LEU E 175 -27.42 8.99 22.43
N ILE E 176 -26.89 8.68 21.25
CA ILE E 176 -26.81 7.29 20.83
C ILE E 176 -25.91 6.50 21.77
N GLY E 177 -24.73 7.05 22.10
CA GLY E 177 -23.84 6.34 22.99
C GLY E 177 -24.46 6.05 24.34
N ARG E 178 -25.20 7.01 24.88
CA ARG E 178 -25.84 6.82 26.18
C ARG E 178 -26.77 5.62 26.17
N SER E 179 -27.43 5.37 25.04
CA SER E 179 -28.38 4.27 25.02
C SER E 179 -27.70 2.92 25.04
N TYR E 180 -26.37 2.85 24.89
CA TYR E 180 -25.65 1.59 25.02
C TYR E 180 -24.98 1.44 26.37
N ALA E 181 -25.36 2.28 27.34
CA ALA E 181 -24.84 2.15 28.70
C ALA E 181 -25.15 0.77 29.25
N GLY E 182 -24.17 0.19 29.95
CA GLY E 182 -24.32 -1.16 30.43
C GLY E 182 -24.10 -2.22 29.37
N LYS E 183 -23.96 -1.84 28.11
CA LYS E 183 -23.66 -2.80 27.06
C LYS E 183 -22.28 -2.63 26.46
N VAL E 184 -21.88 -1.40 26.18
CA VAL E 184 -20.58 -1.10 25.57
C VAL E 184 -19.95 -0.04 26.44
N GLN E 185 -18.67 -0.23 26.77
CA GLN E 185 -17.90 0.78 27.47
C GLN E 185 -16.83 1.24 26.51
N GLN E 186 -16.65 2.55 26.42
CA GLN E 186 -15.81 3.15 25.40
C GLN E 186 -14.68 3.93 26.06
N ILE E 187 -13.51 3.90 25.44
CA ILE E 187 -12.38 4.79 25.76
C ILE E 187 -12.03 5.50 24.47
N ILE E 188 -12.13 6.83 24.48
CA ILE E 188 -11.78 7.67 23.35
C ILE E 188 -10.43 8.31 23.60
N GLY E 189 -9.44 7.96 22.77
CA GLY E 189 -8.13 8.55 22.84
C GLY E 189 -7.91 9.55 21.73
N GLY E 190 -7.56 10.78 22.12
CA GLY E 190 -7.18 11.77 21.11
C GLY E 190 -5.79 11.46 20.57
N SER E 191 -5.62 11.59 19.25
CA SER E 191 -4.32 11.32 18.65
C SER E 191 -3.85 12.40 17.67
N ILE E 192 -4.48 13.56 17.64
CA ILE E 192 -3.96 14.64 16.80
C ILE E 192 -2.61 15.05 17.36
N GLY E 193 -1.58 15.02 16.51
CA GLY E 193 -0.21 15.24 16.94
C GLY E 193 0.55 13.98 17.33
N PHE E 194 -0.14 12.84 17.52
CA PHE E 194 0.45 11.62 18.07
C PHE E 194 0.46 10.44 17.12
N ASP E 195 -0.52 10.31 16.23
CA ASP E 195 -0.55 9.19 15.29
C ASP E 195 -1.26 9.66 14.04
N ASP E 196 -1.63 8.72 13.18
CA ASP E 196 -2.03 9.06 11.83
C ASP E 196 -3.51 9.43 11.65
N TYR E 197 -4.39 9.14 12.63
CA TYR E 197 -5.76 9.54 12.62
C TYR E 197 -5.94 10.48 13.79
N GLU E 198 -7.16 10.88 14.02
CA GLU E 198 -7.43 11.92 14.98
C GLU E 198 -7.87 11.37 16.32
N TRP E 199 -8.41 10.14 16.33
CA TRP E 199 -8.83 9.45 17.54
C TRP E 199 -8.57 7.96 17.39
N GLY E 200 -8.26 7.33 18.52
CA GLY E 200 -8.31 5.88 18.67
C GLY E 200 -9.51 5.52 19.53
N VAL E 201 -10.33 4.59 19.03
CA VAL E 201 -11.59 4.25 19.70
C VAL E 201 -11.50 2.83 20.19
N THR E 202 -11.66 2.63 21.49
CA THR E 202 -11.63 1.30 22.07
C THR E 202 -12.98 1.01 22.70
N LEU E 203 -13.58 -0.11 22.31
CA LEU E 203 -14.86 -0.52 22.85
C LEU E 203 -14.67 -1.85 23.59
N PHE E 204 -15.41 -1.98 24.69
CA PHE E 204 -15.42 -3.19 25.51
C PHE E 204 -16.87 -3.66 25.68
N SER E 205 -17.10 -4.94 25.48
CA SER E 205 -18.44 -5.49 25.69
C SER E 205 -18.36 -6.98 25.92
N ASP E 206 -19.35 -7.53 26.61
CA ASP E 206 -19.49 -8.97 26.75
C ASP E 206 -20.22 -9.60 25.57
N ASP E 207 -20.83 -8.79 24.71
CA ASP E 207 -21.48 -9.28 23.51
C ASP E 207 -20.89 -8.57 22.32
N ALA E 208 -20.17 -9.30 21.45
CA ALA E 208 -19.48 -8.61 20.35
C ALA E 208 -20.45 -8.01 19.35
N LEU E 209 -21.65 -8.54 19.23
CA LEU E 209 -22.63 -7.92 18.35
C LEU E 209 -22.98 -6.51 18.78
N GLU E 210 -22.78 -6.16 20.05
CA GLU E 210 -23.05 -4.78 20.45
C GLU E 210 -22.09 -3.82 19.75
N PHE E 211 -20.90 -4.29 19.38
CA PHE E 211 -19.98 -3.44 18.61
C PHE E 211 -20.61 -3.13 17.25
N LYS E 212 -21.02 -4.17 16.55
CA LYS E 212 -21.68 -3.99 15.26
C LYS E 212 -22.90 -3.08 15.41
N ARG E 213 -23.69 -3.26 16.49
CA ARG E 213 -24.89 -2.45 16.68
C ARG E 213 -24.55 -0.97 16.89
N ILE E 214 -23.62 -0.69 17.81
CA ILE E 214 -23.40 0.71 18.15
C ILE E 214 -22.71 1.43 17.00
N VAL E 215 -21.76 0.77 16.32
CA VAL E 215 -21.02 1.40 15.21
C VAL E 215 -21.91 1.58 13.99
N THR E 216 -22.84 0.61 13.73
CA THR E 216 -23.84 0.77 12.66
C THR E 216 -24.79 1.92 12.97
N GLU E 217 -25.30 1.98 14.19
CA GLU E 217 -26.25 3.02 14.54
C GLU E 217 -25.61 4.41 14.45
N MET E 218 -24.39 4.55 14.95
CA MET E 218 -23.68 5.80 14.81
C MET E 218 -23.46 6.15 13.35
N ARG E 219 -23.27 5.16 12.51
CA ARG E 219 -22.94 5.53 11.14
C ARG E 219 -24.12 6.22 10.42
N PHE E 220 -25.36 6.01 10.89
CA PHE E 220 -26.52 6.67 10.31
C PHE E 220 -26.81 8.00 10.99
N ASP E 221 -26.05 8.36 12.02
CA ASP E 221 -26.16 9.64 12.69
C ASP E 221 -25.24 10.62 11.96
N GLU E 222 -25.74 11.84 11.64
CA GLU E 222 -25.04 12.77 10.75
C GLU E 222 -23.55 12.93 11.12
N ALA E 223 -23.24 13.08 12.41
CA ALA E 223 -21.85 13.28 12.82
C ALA E 223 -20.92 12.27 12.19
N SER E 224 -21.33 11.01 12.07
CA SER E 224 -20.47 10.04 11.41
C SER E 224 -20.80 9.80 9.95
N ALA E 225 -22.09 9.84 9.62
CA ALA E 225 -22.52 9.61 8.25
C ALA E 225 -21.81 10.55 7.30
N ARG E 226 -21.74 11.84 7.68
CA ARG E 226 -21.14 12.81 6.80
C ARG E 226 -19.65 13.01 7.05
N TYR E 227 -19.19 12.83 8.28
CA TYR E 227 -17.89 13.36 8.69
C TYR E 227 -16.89 12.33 9.17
N ALA E 228 -17.24 11.05 9.28
CA ALA E 228 -16.29 10.10 9.84
C ALA E 228 -15.48 9.42 8.76
N GLU E 229 -14.21 9.22 9.06
CA GLU E 229 -13.27 8.53 8.20
C GLU E 229 -12.66 7.48 9.09
N PHE E 230 -12.74 6.23 8.69
CA PHE E 230 -12.35 5.13 9.55
C PHE E 230 -11.09 4.46 9.04
N GLY E 231 -10.27 4.00 9.96
CA GLY E 231 -9.20 3.08 9.64
C GLY E 231 -9.64 1.63 9.77
N SER E 232 -8.66 0.76 10.05
CA SER E 232 -8.92 -0.67 10.18
C SER E 232 -9.55 -0.97 11.53
N PHE E 233 -10.34 -2.04 11.56
CA PHE E 233 -11.04 -2.51 12.76
C PHE E 233 -10.43 -3.80 13.28
N PHE E 234 -10.28 -3.90 14.58
CA PHE E 234 -9.70 -5.07 15.24
C PHE E 234 -10.66 -5.53 16.30
N ILE E 235 -10.90 -6.85 16.36
CA ILE E 235 -11.74 -7.38 17.44
C ILE E 235 -11.09 -8.61 18.04
N GLY E 236 -11.36 -8.82 19.33
CA GLY E 236 -10.74 -9.91 20.02
C GLY E 236 -11.39 -10.26 21.35
N ASN E 237 -10.76 -11.20 22.04
CA ASN E 237 -11.29 -11.87 23.20
C ASN E 237 -10.29 -11.76 24.34
N LEU E 238 -10.81 -11.57 25.54
CA LEU E 238 -9.97 -11.34 26.69
C LEU E 238 -9.07 -12.54 26.97
N LEU E 239 -7.80 -12.24 27.18
CA LEU E 239 -6.76 -13.20 27.53
C LEU E 239 -6.29 -12.90 28.96
N LEU E 240 -6.64 -13.76 29.88
CA LEU E 240 -6.05 -13.81 31.21
C LEU E 240 -4.86 -14.77 31.21
N SER E 241 -4.34 -15.12 32.39
CA SER E 241 -3.17 -16.00 32.47
C SER E 241 -3.49 -17.39 31.93
N GLU E 242 -4.62 -17.94 32.38
CA GLU E 242 -5.11 -19.23 31.89
C GLU E 242 -4.99 -19.29 30.37
N GLN E 243 -5.66 -18.39 29.65
CA GLN E 243 -5.69 -18.48 28.20
C GLN E 243 -4.33 -18.09 27.56
N LEU E 244 -3.49 -17.34 28.26
CA LEU E 244 -2.22 -16.91 27.65
C LEU E 244 -1.27 -18.09 27.52
N SER E 245 -1.24 -18.97 28.50
CA SER E 245 -0.40 -20.16 28.41
C SER E 245 -0.86 -21.09 27.30
N LYS E 246 -2.18 -21.28 27.17
CA LYS E 246 -2.70 -22.18 26.15
C LYS E 246 -2.49 -21.60 24.75
N LEU E 247 -2.57 -20.28 24.61
CA LEU E 247 -2.29 -19.69 23.33
C LEU E 247 -0.92 -20.14 22.81
N PHE E 248 0.09 -20.18 23.68
CA PHE E 248 1.46 -20.45 23.25
C PHE E 248 1.81 -21.93 23.27
N THR E 249 0.98 -22.79 23.85
CA THR E 249 1.25 -24.22 23.84
C THR E 249 0.98 -24.80 22.46
N ILE E 250 1.98 -25.39 21.84
CA ILE E 250 1.79 -25.96 20.52
C ILE E 250 1.07 -27.30 20.68
#